data_8BTL
#
_entry.id   8BTL
#
_cell.length_a   89.157
_cell.length_b   89.157
_cell.length_c   263.306
_cell.angle_alpha   90.000
_cell.angle_beta   90.000
_cell.angle_gamma   90.000
#
_symmetry.space_group_name_H-M   'P 43 21 2'
#
loop_
_entity.id
_entity.type
_entity.pdbx_description
1 polymer 'cDNA FLJ12511 fis, clone NT2RM2001727, highly similar to Homo sapiens ubiquitin protein ligase E3 component n-recognin 4 (UBR4), mRNA'
2 polymer 'Ubiquitin conjugating enzyme E2 A'
3 non-polymer 'ZINC ION'
#
loop_
_entity_poly.entity_id
_entity_poly.type
_entity_poly.pdbx_seq_one_letter_code
_entity_poly.pdbx_strand_id
1 'polypeptide(L)'
;GPLGSAIQHPGTQVLIGTDSIPNLHKLEQVSSDEGIGTLAENLLEALREHPDVNKKIDAARRETRAEKKRMAMAMRQKAL
GTLGMTTNEKGQVVTKTALLKQMEELIEEPGLTCCICREGYKFQPTKVLGIYTFTKRVALEELENKPRKQQGYSTVSHFN
IVHYDCHLAAVRLARGREEWESAALQNANTKCNGLLPVWGPHVPESAFATCLARHNTYLQECTGQREPTYQLNIHDIKLL
FLRFAMEQSFSADTGGGGRESNIHLIPYIIHTVLYVLNTTRATSREEKNLQGFLEQPKEKWVESAFEVDGPYYFTVLALH
ILPPEQWRATRVEILRRLLVTSQARAVAPGGATRLTDKAVKDYSAYRSSLLFWALVDLIYNMFKKVPTSNTEGGWSCSLA
EYIRHNDMPIYEAADKALKTFQEEFMPVETFSEFLDVAGLLSEITDPESFLKDLLNSVP
;
A
2 'polypeptide(L)'
;GHMLGSMSTPARRRLMRDFKRLQEDPPAGVSGAPSENNIMVWNAVIFGPEGTPFEDGTFKLTIEFTEEYPNKPPTVRFVS
KMFHPNVYADGSIKLDILQNRWSPTYDVSSILTSIQSLLDEPNPNSPANSQAAQLYQENKREYEKRVSAIVEQSWRDC
;
C,D
#
# COMPACT_ATOMS: atom_id res chain seq x y z
N LEU A 106 2.94 3.25 22.08
CA LEU A 106 2.52 2.41 23.20
C LEU A 106 2.12 1.01 22.74
N ILE A 107 0.85 0.87 22.36
CA ILE A 107 0.33 -0.44 21.99
C ILE A 107 0.73 -0.78 20.55
N GLU A 108 0.62 -2.06 20.21
CA GLU A 108 0.89 -2.51 18.85
C GLU A 108 -0.33 -2.29 17.97
N GLU A 109 -0.08 -2.20 16.66
CA GLU A 109 -1.13 -1.90 15.70
C GLU A 109 -1.61 -3.19 15.06
N PRO A 110 -2.92 -3.49 15.11
CA PRO A 110 -3.40 -4.77 14.56
C PRO A 110 -3.25 -4.88 13.06
N GLY A 111 -3.86 -3.95 12.33
CA GLY A 111 -3.90 -4.01 10.89
C GLY A 111 -2.58 -3.78 10.19
N LEU A 112 -2.61 -3.08 9.06
CA LEU A 112 -1.40 -2.83 8.28
C LEU A 112 -0.52 -1.81 8.98
N THR A 113 0.77 -2.11 9.07
CA THR A 113 1.72 -1.27 9.79
C THR A 113 2.86 -0.87 8.85
N CYS A 114 3.19 0.41 8.84
CA CYS A 114 4.36 0.88 8.13
C CYS A 114 5.62 0.36 8.81
N CYS A 115 6.48 -0.32 8.04
CA CYS A 115 7.66 -0.94 8.64
C CYS A 115 8.71 0.06 9.09
N ILE A 116 8.56 1.35 8.75
CA ILE A 116 9.52 2.35 9.19
C ILE A 116 9.17 2.86 10.58
N CYS A 117 7.97 3.39 10.76
CA CYS A 117 7.54 3.96 12.02
C CYS A 117 6.75 2.99 12.89
N ARG A 118 6.54 1.76 12.43
CA ARG A 118 5.85 0.70 13.17
C ARG A 118 4.42 1.10 13.56
N GLU A 119 3.86 2.11 12.90
CA GLU A 119 2.54 2.62 13.23
C GLU A 119 1.60 2.45 12.05
N GLY A 120 0.31 2.26 12.35
CA GLY A 120 -0.69 2.06 11.32
C GLY A 120 -1.85 3.02 11.41
N TYR A 121 -3.08 2.50 11.42
CA TYR A 121 -4.27 3.33 11.52
C TYR A 121 -4.68 3.59 12.97
N LYS A 122 -4.29 2.73 13.90
CA LYS A 122 -4.67 2.91 15.30
C LYS A 122 -4.05 4.15 15.92
N PHE A 123 -2.92 4.63 15.38
CA PHE A 123 -2.28 5.83 15.88
C PHE A 123 -2.20 6.96 14.86
N GLN A 124 -2.26 6.65 13.56
CA GLN A 124 -2.29 7.66 12.51
C GLN A 124 -3.39 7.30 11.53
N PRO A 125 -4.66 7.52 11.91
CA PRO A 125 -5.77 7.12 11.04
C PRO A 125 -5.97 7.99 9.81
N THR A 126 -5.13 8.99 9.60
CA THR A 126 -5.25 9.87 8.43
C THR A 126 -4.01 9.85 7.56
N LYS A 127 -3.05 8.97 7.85
CA LYS A 127 -1.81 8.86 7.07
C LYS A 127 -1.95 7.72 6.08
N VAL A 128 -1.67 8.01 4.81
CA VAL A 128 -1.86 7.03 3.75
C VAL A 128 -0.81 5.93 3.85
N LEU A 129 -1.26 4.68 3.79
CA LEU A 129 -0.38 3.52 3.72
C LEU A 129 -0.20 3.10 2.27
N GLY A 130 1.00 2.60 1.97
CA GLY A 130 1.33 2.21 0.62
C GLY A 130 2.00 0.86 0.57
N ILE A 131 1.87 0.21 -0.59
CA ILE A 131 2.47 -1.09 -0.85
C ILE A 131 3.58 -0.92 -1.88
N TYR A 132 4.78 -1.36 -1.54
CA TYR A 132 5.89 -1.30 -2.48
C TYR A 132 5.65 -2.28 -3.62
N THR A 133 5.58 -1.78 -4.85
CA THR A 133 5.31 -2.58 -6.02
C THR A 133 6.46 -2.46 -7.02
N PHE A 134 6.49 -3.40 -7.96
CA PHE A 134 7.45 -3.37 -9.07
C PHE A 134 6.70 -3.66 -10.36
N THR A 135 6.61 -2.66 -11.22
CA THR A 135 5.90 -2.76 -12.49
C THR A 135 6.90 -2.66 -13.64
N LYS A 136 6.65 -3.40 -14.72
CA LYS A 136 7.47 -3.32 -15.91
C LYS A 136 6.59 -3.34 -17.14
N ARG A 137 7.09 -2.71 -18.21
CA ARG A 137 6.34 -2.63 -19.46
C ARG A 137 6.35 -3.97 -20.17
N VAL A 138 5.18 -4.56 -20.38
CA VAL A 138 5.02 -5.82 -21.08
C VAL A 138 3.86 -5.69 -22.06
N ALA A 139 3.62 -6.74 -22.84
CA ALA A 139 2.53 -6.76 -23.78
C ALA A 139 1.23 -7.18 -23.10
N LEU A 140 0.12 -6.59 -23.54
CA LEU A 140 -1.17 -6.93 -22.96
C LEU A 140 -1.57 -8.35 -23.31
N GLU A 141 -1.55 -8.69 -24.60
CA GLU A 141 -1.88 -10.03 -25.07
C GLU A 141 -0.73 -10.54 -25.93
N GLU A 142 -0.19 -11.70 -25.57
CA GLU A 142 0.90 -12.27 -26.34
C GLU A 142 0.42 -12.95 -27.61
N LEU A 143 -0.83 -13.41 -27.63
CA LEU A 143 -1.40 -14.08 -28.79
C LEU A 143 -2.03 -13.10 -29.78
N GLU A 144 -1.85 -11.80 -29.57
CA GLU A 144 -2.35 -10.81 -30.51
C GLU A 144 -1.65 -10.96 -31.86
N ASN A 145 -2.43 -11.27 -32.90
CA ASN A 145 -1.86 -11.55 -34.22
C ASN A 145 -1.20 -10.35 -34.86
N LYS A 146 -1.32 -9.16 -34.27
CA LYS A 146 -0.62 -8.00 -34.79
C LYS A 146 0.89 -8.18 -34.63
N PRO A 147 1.69 -7.53 -35.50
CA PRO A 147 3.15 -7.66 -35.37
C PRO A 147 3.67 -7.00 -34.10
N ARG A 148 3.35 -5.72 -33.91
CA ARG A 148 3.70 -5.01 -32.68
C ARG A 148 2.56 -5.18 -31.68
N LYS A 149 2.85 -5.86 -30.57
CA LYS A 149 1.83 -6.13 -29.57
C LYS A 149 1.39 -4.84 -28.88
N GLN A 150 0.11 -4.78 -28.54
CA GLN A 150 -0.41 -3.65 -27.78
C GLN A 150 0.22 -3.65 -26.39
N GLN A 151 0.68 -2.48 -25.95
CA GLN A 151 1.54 -2.37 -24.78
C GLN A 151 0.74 -2.01 -23.53
N GLY A 152 1.13 -2.60 -22.41
CA GLY A 152 0.56 -2.27 -21.11
C GLY A 152 1.63 -2.39 -20.05
N TYR A 153 1.24 -2.84 -18.85
CA TYR A 153 2.19 -3.03 -17.78
C TYR A 153 1.70 -4.12 -16.84
N SER A 154 2.66 -4.85 -16.26
CA SER A 154 2.38 -5.90 -15.29
C SER A 154 3.18 -5.65 -14.03
N THR A 155 2.52 -5.69 -12.88
CA THR A 155 3.13 -5.34 -11.61
C THR A 155 3.13 -6.53 -10.66
N VAL A 156 4.13 -6.54 -9.76
CA VAL A 156 4.23 -7.53 -8.70
C VAL A 156 4.64 -6.80 -7.43
N SER A 157 4.62 -7.53 -6.31
CA SER A 157 4.91 -6.92 -5.02
C SER A 157 5.37 -7.99 -4.05
N HIS A 158 6.23 -7.59 -3.12
CA HIS A 158 6.56 -8.38 -1.95
C HIS A 158 5.65 -8.08 -0.77
N PHE A 159 4.72 -7.13 -0.95
CA PHE A 159 3.74 -6.74 0.07
C PHE A 159 4.43 -6.23 1.35
N ASN A 160 5.20 -5.16 1.17
CA ASN A 160 5.78 -4.42 2.28
C ASN A 160 5.10 -3.07 2.38
N ILE A 161 4.76 -2.68 3.61
CA ILE A 161 3.90 -1.52 3.85
C ILE A 161 4.73 -0.38 4.42
N VAL A 162 4.54 0.81 3.87
CA VAL A 162 5.14 2.04 4.40
C VAL A 162 4.13 3.17 4.24
N HIS A 163 4.13 4.08 5.21
CA HIS A 163 3.41 5.33 5.04
C HIS A 163 4.02 6.10 3.87
N TYR A 164 3.16 6.82 3.13
CA TYR A 164 3.68 7.54 1.97
C TYR A 164 4.60 8.68 2.41
N ASP A 165 4.35 9.25 3.59
CA ASP A 165 5.26 10.27 4.12
C ASP A 165 6.55 9.63 4.63
N CYS A 166 6.45 8.45 5.24
CA CYS A 166 7.65 7.78 5.74
C CYS A 166 8.57 7.33 4.60
N HIS A 167 7.99 6.99 3.45
CA HIS A 167 8.81 6.64 2.29
C HIS A 167 9.56 7.85 1.77
N LEU A 168 8.86 8.98 1.62
CA LEU A 168 9.49 10.19 1.11
C LEU A 168 10.54 10.71 2.10
N ALA A 169 10.26 10.62 3.40
CA ALA A 169 11.22 11.08 4.40
C ALA A 169 12.50 10.25 4.36
N ALA A 170 12.39 8.96 4.06
CA ALA A 170 13.57 8.10 4.04
C ALA A 170 14.42 8.37 2.79
N VAL A 171 13.77 8.58 1.65
CA VAL A 171 14.52 8.77 0.41
C VAL A 171 15.05 10.20 0.29
N ARG A 172 14.37 11.17 0.91
CA ARG A 172 14.85 12.56 0.85
C ARG A 172 16.09 12.74 1.71
N LEU A 173 16.07 12.23 2.94
CA LEU A 173 17.23 12.32 3.82
C LEU A 173 18.40 11.49 3.32
N ALA A 174 18.19 10.60 2.36
CA ALA A 174 19.24 9.73 1.85
C ALA A 174 19.69 10.20 0.47
N ARG A 175 20.22 11.42 0.44
CA ARG A 175 20.72 11.99 -0.81
C ARG A 175 21.98 11.26 -1.27
N GLY A 176 22.12 11.13 -2.57
CA GLY A 176 23.25 10.47 -3.19
C GLY A 176 22.91 9.17 -3.89
N ARG A 177 21.74 8.60 -3.63
CA ARG A 177 21.29 7.37 -4.26
C ARG A 177 19.89 7.55 -4.82
N GLU A 178 19.55 6.70 -5.79
CA GLU A 178 18.24 6.78 -6.43
C GLU A 178 17.13 6.60 -5.40
N GLU A 179 15.96 7.17 -5.70
CA GLU A 179 14.82 7.04 -4.81
C GLU A 179 14.40 5.58 -4.67
N TRP A 180 14.46 4.82 -5.77
CA TRP A 180 14.04 3.43 -5.75
C TRP A 180 15.16 2.47 -5.45
N GLU A 181 16.42 2.89 -5.61
CA GLU A 181 17.51 2.15 -4.99
C GLU A 181 17.51 2.36 -3.48
N SER A 182 16.98 3.49 -3.01
CA SER A 182 16.88 3.76 -1.58
C SER A 182 15.73 2.98 -0.95
N ALA A 183 14.60 2.87 -1.63
CA ALA A 183 13.45 2.16 -1.08
C ALA A 183 13.65 0.66 -1.01
N ALA A 184 14.67 0.12 -1.69
CA ALA A 184 14.88 -1.32 -1.67
C ALA A 184 15.32 -1.81 -0.30
N LEU A 185 15.97 -0.95 0.49
CA LEU A 185 16.43 -1.37 1.82
C LEU A 185 15.27 -1.57 2.78
N GLN A 186 14.24 -0.74 2.67
CA GLN A 186 13.02 -0.91 3.44
C GLN A 186 12.01 -1.83 2.76
N ASN A 187 12.41 -2.47 1.66
CA ASN A 187 11.55 -3.39 0.92
C ASN A 187 12.17 -4.78 0.86
N ALA A 188 12.89 -5.18 1.91
CA ALA A 188 13.49 -6.51 2.03
C ALA A 188 14.45 -6.80 0.87
N ASN A 189 15.20 -5.78 0.47
CA ASN A 189 16.23 -5.87 -0.57
C ASN A 189 15.70 -6.33 -1.91
N THR A 190 14.39 -6.37 -2.09
CA THR A 190 13.77 -6.66 -3.38
C THR A 190 13.43 -5.34 -4.06
N LYS A 191 14.00 -5.11 -5.24
CA LYS A 191 13.88 -3.81 -5.89
C LYS A 191 12.42 -3.49 -6.22
N CYS A 192 12.13 -2.20 -6.28
CA CYS A 192 10.77 -1.72 -6.53
C CYS A 192 10.85 -0.39 -7.25
N ASN A 193 9.73 0.01 -7.85
CA ASN A 193 9.67 1.28 -8.57
C ASN A 193 8.32 1.98 -8.41
N GLY A 194 7.45 1.50 -7.52
CA GLY A 194 6.17 2.13 -7.30
C GLY A 194 5.75 1.97 -5.85
N LEU A 195 4.68 2.69 -5.49
CA LEU A 195 4.13 2.64 -4.13
C LEU A 195 2.61 2.73 -4.26
N LEU A 196 1.97 1.57 -4.38
CA LEU A 196 0.52 1.51 -4.53
C LEU A 196 -0.16 2.00 -3.26
N PRO A 197 -0.97 3.04 -3.31
CA PRO A 197 -1.63 3.55 -2.11
C PRO A 197 -2.90 2.77 -1.79
N VAL A 198 -3.17 2.65 -0.50
CA VAL A 198 -4.43 2.09 -0.01
C VAL A 198 -5.21 3.20 0.67
N TRP A 199 -6.53 3.11 0.56
CA TRP A 199 -7.43 4.13 1.12
C TRP A 199 -8.02 3.58 2.41
N GLY A 200 -7.57 4.13 3.54
CA GLY A 200 -8.08 3.73 4.83
C GLY A 200 -9.46 4.25 5.09
N PRO A 201 -10.10 3.76 6.15
CA PRO A 201 -11.46 4.22 6.47
C PRO A 201 -11.52 5.70 6.83
N HIS A 202 -10.64 6.15 7.72
CA HIS A 202 -10.62 7.53 8.17
C HIS A 202 -9.59 8.37 7.41
N VAL A 203 -9.10 7.88 6.29
CA VAL A 203 -8.16 8.65 5.47
C VAL A 203 -8.97 9.56 4.55
N PRO A 204 -8.60 10.84 4.44
CA PRO A 204 -9.34 11.74 3.54
C PRO A 204 -9.10 11.37 2.09
N GLU A 205 -10.15 11.53 1.27
CA GLU A 205 -10.03 11.27 -0.16
C GLU A 205 -9.02 12.20 -0.81
N SER A 206 -8.82 13.40 -0.24
CA SER A 206 -7.82 14.31 -0.76
C SER A 206 -6.41 13.74 -0.63
N ALA A 207 -6.16 12.95 0.43
CA ALA A 207 -4.84 12.37 0.62
C ALA A 207 -4.64 11.14 -0.26
N PHE A 208 -5.68 10.31 -0.40
CA PHE A 208 -5.56 9.12 -1.24
C PHE A 208 -5.42 9.47 -2.71
N ALA A 209 -6.23 10.43 -3.19
CA ALA A 209 -6.15 10.84 -4.58
C ALA A 209 -4.79 11.46 -4.90
N THR A 210 -4.17 12.13 -3.92
CA THR A 210 -2.84 12.69 -4.14
C THR A 210 -1.80 11.59 -4.27
N CYS A 211 -1.92 10.54 -3.46
CA CYS A 211 -0.98 9.43 -3.52
C CYS A 211 -1.18 8.55 -4.74
N LEU A 212 -2.42 8.36 -5.19
CA LEU A 212 -2.66 7.58 -6.40
C LEU A 212 -2.09 8.28 -7.62
N ALA A 213 -2.14 9.61 -7.64
CA ALA A 213 -1.51 10.36 -8.72
C ALA A 213 0.01 10.21 -8.67
N ARG A 214 0.58 10.18 -7.45
CA ARG A 214 2.01 9.94 -7.32
C ARG A 214 2.38 8.54 -7.81
N HIS A 215 1.54 7.54 -7.49
CA HIS A 215 1.79 6.19 -7.99
C HIS A 215 1.59 6.10 -9.50
N ASN A 216 0.64 6.86 -10.04
CA ASN A 216 0.45 6.89 -11.49
C ASN A 216 1.66 7.48 -12.19
N THR A 217 2.28 8.51 -11.60
CA THR A 217 3.51 9.06 -12.17
C THR A 217 4.64 8.04 -12.10
N TYR A 218 4.69 7.25 -11.02
CA TYR A 218 5.67 6.17 -10.95
C TYR A 218 5.45 5.15 -12.06
N LEU A 219 4.19 4.88 -12.40
CA LEU A 219 3.91 3.95 -13.50
C LEU A 219 4.29 4.56 -14.84
N GLN A 220 4.13 5.88 -14.99
CA GLN A 220 4.51 6.53 -16.24
C GLN A 220 6.00 6.45 -16.50
N GLU A 221 6.81 6.36 -15.43
CA GLU A 221 8.26 6.39 -15.59
C GLU A 221 8.82 5.02 -15.95
N CYS A 222 8.46 3.99 -15.18
CA CYS A 222 9.02 2.66 -15.42
C CYS A 222 8.36 1.93 -16.58
N THR A 223 7.13 2.27 -16.93
CA THR A 223 6.43 1.62 -18.04
C THR A 223 6.28 2.50 -19.26
N GLY A 224 6.63 3.78 -19.17
CA GLY A 224 6.48 4.68 -20.30
C GLY A 224 5.06 5.00 -20.69
N GLN A 225 4.08 4.37 -20.08
CA GLN A 225 2.67 4.56 -20.43
C GLN A 225 2.16 5.83 -19.76
N ARG A 226 2.16 6.93 -20.50
CA ARG A 226 1.50 8.14 -20.01
C ARG A 226 0.01 7.87 -19.88
N GLU A 227 -0.60 8.45 -18.84
CA GLU A 227 -2.01 8.26 -18.54
C GLU A 227 -2.34 6.80 -18.30
N PRO A 228 -2.02 6.24 -17.14
CA PRO A 228 -2.41 4.85 -16.84
C PRO A 228 -3.88 4.74 -16.49
N THR A 229 -4.70 4.33 -17.46
CA THR A 229 -6.13 4.22 -17.24
C THR A 229 -6.44 2.98 -16.39
N TYR A 230 -7.70 2.89 -15.96
CA TYR A 230 -8.13 1.72 -15.19
C TYR A 230 -8.22 0.48 -16.07
N GLN A 231 -8.47 0.66 -17.38
CA GLN A 231 -8.43 -0.47 -18.30
C GLN A 231 -7.05 -1.12 -18.31
N LEU A 232 -6.00 -0.31 -18.43
CA LEU A 232 -4.64 -0.83 -18.30
C LEU A 232 -4.43 -1.49 -16.95
N ASN A 233 -5.08 -0.99 -15.91
CA ASN A 233 -4.93 -1.60 -14.59
C ASN A 233 -5.68 -2.91 -14.49
N ILE A 234 -6.81 -3.05 -15.18
CA ILE A 234 -7.51 -4.33 -15.20
C ILE A 234 -6.66 -5.39 -15.87
N HIS A 235 -6.01 -5.04 -16.99
CA HIS A 235 -5.06 -5.95 -17.62
C HIS A 235 -3.91 -6.28 -16.69
N ASP A 236 -3.51 -5.34 -15.84
CA ASP A 236 -2.46 -5.60 -14.87
C ASP A 236 -2.89 -6.69 -13.88
N ILE A 237 -4.16 -6.68 -13.46
CA ILE A 237 -4.67 -7.77 -12.65
C ILE A 237 -4.77 -9.05 -13.46
N LYS A 238 -5.18 -8.92 -14.73
CA LYS A 238 -5.26 -10.09 -15.61
C LYS A 238 -3.91 -10.77 -15.75
N LEU A 239 -2.86 -9.98 -16.01
CA LEU A 239 -1.52 -10.55 -16.15
C LEU A 239 -1.02 -11.11 -14.82
N LEU A 240 -1.39 -10.50 -13.70
CA LEU A 240 -1.00 -11.05 -12.41
C LEU A 240 -1.74 -12.35 -12.13
N PHE A 241 -3.01 -12.43 -12.51
CA PHE A 241 -3.74 -13.70 -12.40
C PHE A 241 -3.09 -14.77 -13.26
N LEU A 242 -2.65 -14.40 -14.47
CA LEU A 242 -2.04 -15.37 -15.37
C LEU A 242 -0.70 -15.86 -14.84
N ARG A 243 0.01 -15.04 -14.07
CA ARG A 243 1.23 -15.51 -13.43
C ARG A 243 0.94 -16.60 -12.41
N PHE A 244 -0.19 -16.50 -11.72
CA PHE A 244 -0.60 -17.57 -10.80
C PHE A 244 -0.99 -18.82 -11.56
N ALA A 245 -1.75 -18.66 -12.65
CA ALA A 245 -2.32 -19.83 -13.32
C ALA A 245 -1.29 -20.54 -14.17
N MET A 246 -0.29 -19.83 -14.68
CA MET A 246 0.75 -20.41 -15.52
C MET A 246 2.02 -20.75 -14.75
N GLU A 247 2.00 -20.62 -13.42
CA GLU A 247 3.15 -20.89 -12.57
C GLU A 247 4.39 -20.15 -13.05
N GLN A 248 4.23 -18.83 -13.24
CA GLN A 248 5.33 -17.98 -13.64
C GLN A 248 6.03 -17.40 -12.42
N SER A 249 7.23 -16.89 -12.64
CA SER A 249 8.05 -16.38 -11.55
C SER A 249 7.64 -14.97 -11.17
N PHE A 250 7.52 -14.73 -9.86
CA PHE A 250 7.31 -13.38 -9.35
C PHE A 250 8.60 -12.69 -8.95
N SER A 251 9.58 -13.45 -8.45
CA SER A 251 10.84 -12.91 -7.99
C SER A 251 11.89 -12.80 -9.10
N ALA A 252 11.49 -13.02 -10.36
CA ALA A 252 12.47 -13.00 -11.45
C ALA A 252 13.04 -11.59 -11.64
N ASP A 253 12.22 -10.56 -11.47
CA ASP A 253 12.64 -9.18 -11.70
C ASP A 253 12.89 -8.42 -10.41
N THR A 254 12.43 -8.92 -9.27
CA THR A 254 12.58 -8.23 -7.99
C THR A 254 13.64 -8.86 -7.10
N GLY A 255 13.58 -10.19 -6.92
CA GLY A 255 14.50 -10.89 -6.05
C GLY A 255 13.87 -11.53 -4.84
N GLY A 256 12.56 -11.44 -4.70
CA GLY A 256 11.88 -12.04 -3.57
C GLY A 256 10.38 -11.93 -3.71
N GLY A 257 9.69 -12.75 -2.93
CA GLY A 257 8.23 -12.77 -2.95
C GLY A 257 7.65 -13.62 -4.05
N GLY A 258 6.65 -14.43 -3.71
CA GLY A 258 6.01 -15.29 -4.69
C GLY A 258 4.50 -15.22 -4.65
N ARG A 259 3.85 -16.38 -4.60
CA ARG A 259 2.39 -16.40 -4.52
C ARG A 259 1.91 -15.83 -3.19
N GLU A 260 2.65 -16.07 -2.11
CA GLU A 260 2.25 -15.57 -0.80
C GLU A 260 2.21 -14.05 -0.77
N SER A 261 3.19 -13.41 -1.39
CA SER A 261 3.24 -11.95 -1.38
C SER A 261 2.16 -11.35 -2.28
N ASN A 262 2.09 -11.81 -3.52
CA ASN A 262 1.21 -11.20 -4.52
C ASN A 262 -0.26 -11.57 -4.33
N ILE A 263 -0.58 -12.57 -3.51
CA ILE A 263 -1.98 -12.87 -3.24
C ILE A 263 -2.62 -11.80 -2.35
N HIS A 264 -1.81 -11.09 -1.56
CA HIS A 264 -2.31 -9.98 -0.75
C HIS A 264 -2.30 -8.67 -1.50
N LEU A 265 -1.57 -8.59 -2.61
CA LEU A 265 -1.61 -7.41 -3.46
C LEU A 265 -2.91 -7.31 -4.25
N ILE A 266 -3.61 -8.44 -4.43
CA ILE A 266 -4.81 -8.45 -5.27
C ILE A 266 -5.86 -7.44 -4.83
N PRO A 267 -6.32 -7.43 -3.57
CA PRO A 267 -7.47 -6.58 -3.23
C PRO A 267 -7.21 -5.09 -3.40
N TYR A 268 -5.97 -4.64 -3.19
CA TYR A 268 -5.65 -3.22 -3.32
C TYR A 268 -5.32 -2.83 -4.75
N ILE A 269 -4.78 -3.76 -5.54
CA ILE A 269 -4.69 -3.54 -6.97
C ILE A 269 -6.09 -3.54 -7.59
N ILE A 270 -7.00 -4.35 -7.04
CA ILE A 270 -8.40 -4.28 -7.45
C ILE A 270 -9.01 -2.96 -7.02
N HIS A 271 -8.59 -2.43 -5.86
CA HIS A 271 -9.21 -1.22 -5.32
C HIS A 271 -9.02 -0.03 -6.24
N THR A 272 -7.82 0.11 -6.83
CA THR A 272 -7.57 1.26 -7.71
C THR A 272 -8.45 1.21 -8.95
N VAL A 273 -8.84 0.02 -9.39
CA VAL A 273 -9.81 -0.09 -10.48
C VAL A 273 -11.20 0.31 -9.99
N LEU A 274 -11.57 -0.13 -8.78
CA LEU A 274 -12.86 0.25 -8.22
C LEU A 274 -12.95 1.74 -7.96
N TYR A 275 -11.83 2.37 -7.58
CA TYR A 275 -11.87 3.80 -7.28
C TYR A 275 -12.09 4.62 -8.54
N VAL A 276 -11.41 4.29 -9.63
CA VAL A 276 -11.60 5.02 -10.88
C VAL A 276 -12.98 4.74 -11.46
N LEU A 277 -13.46 3.50 -11.31
CA LEU A 277 -14.78 3.15 -11.82
C LEU A 277 -15.90 3.88 -11.09
N ASN A 278 -15.66 4.27 -9.83
CA ASN A 278 -16.71 4.88 -9.02
C ASN A 278 -16.71 6.40 -9.11
N THR A 279 -15.54 7.03 -9.17
CA THR A 279 -15.50 8.48 -9.26
C THR A 279 -15.84 8.97 -10.67
N THR A 280 -15.33 8.29 -11.70
CA THR A 280 -15.59 8.68 -13.07
C THR A 280 -16.92 8.15 -13.60
N ARG A 281 -17.69 7.43 -12.77
CA ARG A 281 -19.01 6.93 -13.15
C ARG A 281 -18.96 6.06 -14.40
N ALA A 282 -17.86 5.30 -14.55
CA ALA A 282 -17.65 4.45 -15.71
C ALA A 282 -18.14 3.03 -15.50
N THR A 283 -18.98 2.80 -14.48
CA THR A 283 -19.45 1.44 -14.22
C THR A 283 -20.44 0.99 -15.28
N SER A 284 -21.44 1.83 -15.58
CA SER A 284 -22.48 1.43 -16.54
C SER A 284 -21.92 1.21 -17.93
N ARG A 285 -20.89 1.98 -18.32
CA ARG A 285 -20.28 1.79 -19.64
C ARG A 285 -19.63 0.41 -19.73
N GLU A 286 -18.86 0.03 -18.71
CA GLU A 286 -18.26 -1.30 -18.71
C GLU A 286 -19.28 -2.40 -18.43
N GLU A 287 -20.37 -2.06 -17.75
CA GLU A 287 -21.45 -3.02 -17.57
C GLU A 287 -22.06 -3.42 -18.91
N LYS A 288 -22.44 -2.41 -19.72
CA LYS A 288 -22.94 -2.69 -21.05
C LYS A 288 -21.85 -3.26 -21.95
N ASN A 289 -20.59 -2.87 -21.71
CA ASN A 289 -19.49 -3.40 -22.50
C ASN A 289 -19.22 -4.86 -22.14
N LEU A 290 -19.35 -5.21 -20.86
CA LEU A 290 -19.17 -6.60 -20.45
C LEU A 290 -20.29 -7.49 -20.99
N GLN A 291 -21.54 -7.01 -20.91
CA GLN A 291 -22.66 -7.79 -21.41
C GLN A 291 -22.55 -8.04 -22.91
N GLY A 292 -21.87 -7.14 -23.63
CA GLY A 292 -21.62 -7.38 -25.04
C GLY A 292 -20.68 -8.56 -25.27
N PHE A 293 -19.69 -8.71 -24.39
CA PHE A 293 -18.78 -9.85 -24.51
C PHE A 293 -19.51 -11.16 -24.22
N LEU A 294 -20.38 -11.17 -23.20
CA LEU A 294 -21.11 -12.38 -22.86
C LEU A 294 -22.06 -12.78 -23.99
N GLU A 295 -22.68 -11.80 -24.63
CA GLU A 295 -23.64 -12.05 -25.70
C GLU A 295 -22.98 -12.29 -27.05
N GLN A 296 -21.66 -12.42 -27.10
CA GLN A 296 -20.98 -12.66 -28.36
C GLN A 296 -21.37 -14.04 -28.90
N PRO A 297 -21.81 -14.14 -30.16
CA PRO A 297 -22.13 -15.46 -30.73
C PRO A 297 -20.89 -16.32 -30.83
N LYS A 298 -21.12 -17.62 -30.99
CA LYS A 298 -20.03 -18.60 -30.94
C LYS A 298 -19.09 -18.52 -32.13
N GLU A 299 -19.43 -17.75 -33.16
CA GLU A 299 -18.49 -17.55 -34.26
C GLU A 299 -17.37 -16.60 -33.86
N LYS A 300 -17.66 -15.63 -32.99
CA LYS A 300 -16.67 -14.68 -32.51
C LYS A 300 -15.73 -15.28 -31.47
N TRP A 301 -16.12 -16.41 -30.86
CA TRP A 301 -15.36 -16.95 -29.74
C TRP A 301 -13.93 -17.31 -30.13
N VAL A 302 -13.74 -17.85 -31.33
CA VAL A 302 -12.39 -18.19 -31.78
C VAL A 302 -11.58 -16.94 -32.03
N GLU A 303 -12.21 -15.90 -32.58
CA GLU A 303 -11.50 -14.65 -32.87
C GLU A 303 -11.15 -13.91 -31.60
N SER A 304 -11.99 -14.01 -30.57
CA SER A 304 -11.73 -13.28 -29.32
C SER A 304 -10.59 -13.87 -28.51
N ALA A 305 -10.24 -15.14 -28.75
CA ALA A 305 -9.15 -15.77 -28.03
C ALA A 305 -7.79 -15.23 -28.43
N PHE A 306 -7.71 -14.38 -29.45
CA PHE A 306 -6.47 -13.75 -29.86
C PHE A 306 -6.53 -12.23 -29.79
N GLU A 307 -7.60 -11.68 -29.23
CA GLU A 307 -7.73 -10.24 -29.08
C GLU A 307 -7.18 -9.80 -27.72
N VAL A 308 -6.82 -8.52 -27.65
CA VAL A 308 -6.29 -7.96 -26.41
C VAL A 308 -7.33 -8.04 -25.30
N ASP A 309 -8.49 -7.43 -25.53
CA ASP A 309 -9.61 -7.47 -24.57
C ASP A 309 -10.38 -8.78 -24.72
N GLY A 310 -9.65 -9.88 -24.61
CA GLY A 310 -10.21 -11.20 -24.80
C GLY A 310 -11.01 -11.67 -23.59
N PRO A 311 -11.29 -12.98 -23.55
CA PRO A 311 -12.07 -13.52 -22.42
C PRO A 311 -11.37 -13.41 -21.07
N TYR A 312 -10.04 -13.31 -21.05
CA TYR A 312 -9.33 -13.13 -19.78
C TYR A 312 -9.58 -11.75 -19.20
N TYR A 313 -9.52 -10.71 -20.05
CA TYR A 313 -9.73 -9.35 -19.57
C TYR A 313 -11.13 -9.16 -19.03
N PHE A 314 -12.14 -9.63 -19.77
CA PHE A 314 -13.53 -9.43 -19.35
C PHE A 314 -13.87 -10.25 -18.11
N THR A 315 -13.13 -11.32 -17.83
CA THR A 315 -13.33 -12.05 -16.58
C THR A 315 -12.88 -11.20 -15.39
N VAL A 316 -11.72 -10.55 -15.50
CA VAL A 316 -11.26 -9.65 -14.45
C VAL A 316 -12.22 -8.48 -14.31
N LEU A 317 -12.75 -7.98 -15.42
CA LEU A 317 -13.72 -6.89 -15.37
C LEU A 317 -14.99 -7.32 -14.65
N ALA A 318 -15.47 -8.53 -14.92
CA ALA A 318 -16.67 -9.03 -14.25
C ALA A 318 -16.47 -9.10 -12.75
N LEU A 319 -15.25 -9.41 -12.30
CA LEU A 319 -14.96 -9.44 -10.87
C LEU A 319 -15.18 -8.09 -10.21
N HIS A 320 -15.06 -7.00 -10.97
CA HIS A 320 -15.17 -5.66 -10.41
C HIS A 320 -16.57 -5.09 -10.45
N ILE A 321 -17.46 -5.62 -11.29
CA ILE A 321 -18.78 -5.02 -11.49
C ILE A 321 -19.92 -6.01 -11.37
N LEU A 322 -19.64 -7.28 -11.07
CA LEU A 322 -20.69 -8.27 -10.93
C LEU A 322 -20.73 -8.79 -9.50
N PRO A 323 -21.87 -8.74 -8.83
CA PRO A 323 -21.99 -9.28 -7.48
C PRO A 323 -21.73 -10.78 -7.47
N PRO A 324 -21.52 -11.38 -6.29
CA PRO A 324 -21.31 -12.84 -6.25
C PRO A 324 -22.47 -13.63 -6.80
N GLU A 325 -23.71 -13.18 -6.60
CA GLU A 325 -24.85 -13.88 -7.16
C GLU A 325 -24.84 -13.83 -8.69
N GLN A 326 -24.45 -12.70 -9.26
CA GLN A 326 -24.33 -12.58 -10.71
C GLN A 326 -23.15 -13.37 -11.25
N TRP A 327 -22.14 -13.64 -10.42
CA TRP A 327 -21.00 -14.43 -10.87
C TRP A 327 -21.38 -15.91 -10.97
N ARG A 328 -22.04 -16.45 -9.95
CA ARG A 328 -22.44 -17.85 -9.96
C ARG A 328 -23.33 -18.17 -11.16
N ALA A 329 -24.14 -17.21 -11.60
CA ALA A 329 -24.95 -17.42 -12.80
C ALA A 329 -24.10 -17.37 -14.06
N THR A 330 -23.04 -16.56 -14.07
CA THR A 330 -22.18 -16.40 -15.23
C THR A 330 -20.93 -17.28 -15.15
N ARG A 331 -20.78 -18.06 -14.08
CA ARG A 331 -19.61 -18.91 -13.91
C ARG A 331 -19.43 -19.85 -15.11
N VAL A 332 -20.46 -20.63 -15.43
CA VAL A 332 -20.34 -21.64 -16.47
C VAL A 332 -20.16 -20.98 -17.85
N GLU A 333 -20.94 -19.93 -18.13
CA GLU A 333 -20.82 -19.25 -19.42
C GLU A 333 -19.42 -18.71 -19.62
N ILE A 334 -18.85 -18.09 -18.58
CA ILE A 334 -17.46 -17.63 -18.67
C ILE A 334 -16.51 -18.81 -18.77
N LEU A 335 -16.81 -19.90 -18.04
CA LEU A 335 -15.99 -21.10 -18.13
C LEU A 335 -15.95 -21.64 -19.55
N ARG A 336 -17.08 -21.60 -20.25
CA ARG A 336 -17.10 -22.04 -21.65
C ARG A 336 -16.17 -21.19 -22.50
N ARG A 337 -16.22 -19.87 -22.33
CA ARG A 337 -15.39 -18.98 -23.13
C ARG A 337 -13.91 -19.13 -22.79
N LEU A 338 -13.59 -19.44 -21.54
CA LEU A 338 -12.20 -19.67 -21.18
C LEU A 338 -11.69 -20.99 -21.74
N LEU A 339 -12.53 -22.02 -21.76
CA LEU A 339 -12.13 -23.32 -22.30
C LEU A 339 -11.89 -23.22 -23.80
N VAL A 340 -12.80 -22.56 -24.53
CA VAL A 340 -12.61 -22.36 -25.96
C VAL A 340 -11.37 -21.52 -26.23
N THR A 341 -11.06 -20.58 -25.33
CA THR A 341 -9.84 -19.79 -25.48
C THR A 341 -8.60 -20.67 -25.42
N SER A 342 -8.60 -21.66 -24.53
CA SER A 342 -7.44 -22.55 -24.41
C SER A 342 -7.28 -23.40 -25.67
N GLN A 343 -8.38 -23.97 -26.16
CA GLN A 343 -8.30 -24.79 -27.37
C GLN A 343 -7.88 -23.98 -28.58
N ALA A 344 -8.39 -22.75 -28.69
CA ALA A 344 -8.03 -21.89 -29.82
C ALA A 344 -6.53 -21.57 -29.79
N ARG A 345 -6.02 -21.18 -28.62
CA ARG A 345 -4.60 -20.87 -28.48
C ARG A 345 -3.71 -22.09 -28.54
N ALA A 346 -4.29 -23.30 -28.43
CA ALA A 346 -3.49 -24.53 -28.49
C ALA A 346 -3.39 -25.08 -29.91
N VAL A 347 -4.52 -25.23 -30.59
CA VAL A 347 -4.51 -25.80 -31.93
C VAL A 347 -4.02 -24.80 -32.97
N ALA A 348 -4.03 -23.51 -32.65
CA ALA A 348 -3.57 -22.45 -33.55
C ALA A 348 -2.92 -21.35 -32.73
N PRO A 349 -1.66 -21.54 -32.34
CA PRO A 349 -0.99 -20.55 -31.49
C PRO A 349 -0.79 -19.18 -32.13
N GLY A 350 -0.91 -19.07 -33.45
CA GLY A 350 -0.76 -17.79 -34.12
C GLY A 350 -2.05 -17.00 -34.20
N GLY A 351 -3.01 -17.49 -34.96
CA GLY A 351 -4.29 -16.83 -35.07
C GLY A 351 -5.28 -17.74 -35.75
N ALA A 352 -6.56 -17.51 -35.46
CA ALA A 352 -7.61 -18.35 -36.01
C ALA A 352 -8.94 -17.63 -35.87
N THR A 353 -9.85 -17.94 -36.80
CA THR A 353 -11.21 -17.42 -36.78
C THR A 353 -12.27 -18.50 -36.56
N ARG A 354 -11.98 -19.73 -36.94
CA ARG A 354 -12.88 -20.86 -36.71
C ARG A 354 -12.08 -22.01 -36.10
N LEU A 355 -12.74 -22.81 -35.27
CA LEU A 355 -12.09 -23.95 -34.63
C LEU A 355 -11.97 -25.08 -35.64
N THR A 356 -10.73 -25.43 -36.01
CA THR A 356 -10.47 -26.54 -36.91
C THR A 356 -10.37 -27.86 -36.13
N ASP A 357 -9.42 -27.93 -35.19
CA ASP A 357 -9.25 -29.10 -34.34
C ASP A 357 -10.17 -28.93 -33.13
N LYS A 358 -11.36 -29.50 -33.23
CA LYS A 358 -12.37 -29.39 -32.17
C LYS A 358 -12.39 -30.62 -31.26
N ALA A 359 -11.31 -31.40 -31.25
CA ALA A 359 -11.21 -32.57 -30.40
C ALA A 359 -10.57 -32.21 -29.07
N VAL A 360 -11.03 -32.86 -27.99
CA VAL A 360 -10.50 -32.59 -26.67
C VAL A 360 -9.01 -32.92 -26.63
N LYS A 361 -8.23 -31.98 -26.10
CA LYS A 361 -6.79 -32.16 -25.98
C LYS A 361 -6.43 -32.57 -24.55
N ASP A 362 -5.14 -32.62 -24.26
CA ASP A 362 -4.67 -32.96 -22.92
C ASP A 362 -5.09 -31.87 -21.93
N TYR A 363 -5.11 -32.25 -20.65
CA TYR A 363 -5.49 -31.29 -19.61
C TYR A 363 -4.50 -30.15 -19.51
N SER A 364 -3.24 -30.37 -19.91
CA SER A 364 -2.24 -29.32 -19.83
C SER A 364 -2.59 -28.14 -20.72
N ALA A 365 -3.44 -28.33 -21.73
CA ALA A 365 -3.85 -27.22 -22.59
C ALA A 365 -4.92 -26.36 -21.94
N TYR A 366 -5.71 -26.93 -21.03
CA TYR A 366 -6.78 -26.21 -20.36
C TYR A 366 -6.40 -25.76 -18.95
N ARG A 367 -5.22 -26.14 -18.45
CA ARG A 367 -4.89 -25.90 -17.06
C ARG A 367 -4.76 -24.40 -16.74
N SER A 368 -4.19 -23.63 -17.67
CA SER A 368 -4.02 -22.20 -17.43
C SER A 368 -5.35 -21.50 -17.24
N SER A 369 -6.33 -21.80 -18.11
CA SER A 369 -7.63 -21.15 -17.99
C SER A 369 -8.40 -21.63 -16.77
N LEU A 370 -8.24 -22.89 -16.39
CA LEU A 370 -8.99 -23.41 -15.24
C LEU A 370 -8.48 -22.81 -13.94
N LEU A 371 -7.15 -22.68 -13.80
CA LEU A 371 -6.61 -22.03 -12.61
C LEU A 371 -6.94 -20.55 -12.59
N PHE A 372 -6.98 -19.92 -13.76
CA PHE A 372 -7.46 -18.54 -13.86
C PHE A 372 -8.90 -18.44 -13.37
N TRP A 373 -9.76 -19.34 -13.85
CA TRP A 373 -11.15 -19.37 -13.39
C TRP A 373 -11.22 -19.63 -11.89
N ALA A 374 -10.41 -20.55 -11.39
CA ALA A 374 -10.44 -20.87 -9.96
C ALA A 374 -9.95 -19.70 -9.12
N LEU A 375 -8.91 -19.02 -9.57
CA LEU A 375 -8.39 -17.88 -8.82
C LEU A 375 -9.43 -16.78 -8.69
N VAL A 376 -10.22 -16.57 -9.75
CA VAL A 376 -11.27 -15.55 -9.70
C VAL A 376 -12.39 -15.99 -8.77
N ASP A 377 -12.80 -17.25 -8.85
CA ASP A 377 -13.87 -17.74 -8.00
C ASP A 377 -13.48 -17.68 -6.53
N LEU A 378 -12.23 -18.02 -6.21
CA LEU A 378 -11.77 -17.97 -4.83
C LEU A 378 -11.77 -16.54 -4.30
N ILE A 379 -11.51 -15.56 -5.17
CA ILE A 379 -11.57 -14.17 -4.75
C ILE A 379 -13.00 -13.75 -4.46
N TYR A 380 -13.95 -14.20 -5.29
CA TYR A 380 -15.36 -13.97 -4.98
C TYR A 380 -15.73 -14.59 -3.63
N ASN A 381 -15.13 -15.73 -3.30
CA ASN A 381 -15.37 -16.34 -1.99
C ASN A 381 -14.79 -15.51 -0.87
N MET A 382 -13.67 -14.82 -1.12
CA MET A 382 -13.13 -13.89 -0.14
C MET A 382 -14.12 -12.77 0.16
N PHE A 383 -14.86 -12.33 -0.86
CA PHE A 383 -15.80 -11.23 -0.75
C PHE A 383 -17.25 -11.70 -0.70
N LYS A 384 -17.49 -12.90 -0.17
CA LYS A 384 -18.84 -13.42 -0.06
C LYS A 384 -19.67 -12.68 0.99
N LYS A 385 -19.01 -12.03 1.95
CA LYS A 385 -19.69 -11.31 3.02
C LYS A 385 -19.98 -9.86 2.67
N VAL A 386 -19.65 -9.42 1.47
CA VAL A 386 -19.89 -8.02 1.08
C VAL A 386 -21.38 -7.80 0.90
N PRO A 387 -21.95 -6.70 1.40
CA PRO A 387 -23.35 -6.41 1.11
C PRO A 387 -23.57 -6.31 -0.40
N THR A 388 -24.69 -6.89 -0.85
CA THR A 388 -24.93 -7.01 -2.29
C THR A 388 -25.12 -5.65 -2.95
N SER A 389 -26.16 -4.91 -2.54
CA SER A 389 -26.42 -3.61 -3.15
C SER A 389 -27.30 -2.80 -2.19
N ASN A 390 -28.06 -1.85 -2.74
CA ASN A 390 -28.95 -1.00 -1.96
C ASN A 390 -28.19 -0.25 -0.87
N THR A 391 -27.04 0.30 -1.25
CA THR A 391 -26.17 1.02 -0.33
C THR A 391 -25.38 2.08 -1.09
N GLU A 392 -26.11 2.98 -1.76
CA GLU A 392 -25.53 4.10 -2.48
C GLU A 392 -24.54 3.64 -3.55
N GLY A 393 -24.84 2.53 -4.19
CA GLY A 393 -24.00 2.00 -5.25
C GLY A 393 -24.25 0.53 -5.46
N GLY A 394 -23.82 0.06 -6.64
CA GLY A 394 -23.97 -1.34 -7.00
C GLY A 394 -22.92 -2.23 -6.35
N TRP A 395 -22.23 -3.03 -7.16
CA TRP A 395 -21.20 -3.92 -6.65
C TRP A 395 -19.84 -3.23 -6.54
N SER A 396 -19.45 -2.45 -7.56
CA SER A 396 -18.17 -1.76 -7.54
C SER A 396 -18.09 -0.76 -6.38
N CYS A 397 -19.22 -0.28 -5.88
CA CYS A 397 -19.23 0.56 -4.69
C CYS A 397 -19.27 -0.26 -3.41
N SER A 398 -20.10 -1.30 -3.37
CA SER A 398 -20.18 -2.13 -2.17
C SER A 398 -18.87 -2.85 -1.90
N LEU A 399 -18.19 -3.29 -2.96
CA LEU A 399 -16.91 -3.98 -2.79
C LEU A 399 -15.82 -3.01 -2.37
N ALA A 400 -15.80 -1.81 -2.96
CA ALA A 400 -14.76 -0.84 -2.64
C ALA A 400 -14.79 -0.47 -1.17
N GLU A 401 -15.98 -0.29 -0.59
CA GLU A 401 -16.08 0.04 0.82
C GLU A 401 -15.67 -1.14 1.70
N TYR A 402 -15.97 -2.37 1.27
CA TYR A 402 -15.54 -3.54 2.04
C TYR A 402 -14.03 -3.64 2.09
N ILE A 403 -13.38 -3.53 0.93
CA ILE A 403 -11.92 -3.51 0.88
C ILE A 403 -11.36 -2.38 1.73
N ARG A 404 -12.09 -1.26 1.78
CA ARG A 404 -11.61 -0.08 2.50
C ARG A 404 -11.61 -0.31 4.01
N HIS A 405 -12.62 -1.00 4.53
CA HIS A 405 -12.83 -1.13 5.97
C HIS A 405 -12.34 -2.44 6.55
N ASN A 406 -12.04 -3.43 5.74
CA ASN A 406 -11.71 -4.78 6.22
C ASN A 406 -10.33 -5.18 5.69
N ASP A 407 -9.29 -4.55 6.23
CA ASP A 407 -7.93 -4.90 5.82
C ASP A 407 -7.52 -6.27 6.35
N MET A 408 -7.91 -6.60 7.58
CA MET A 408 -7.49 -7.84 8.21
C MET A 408 -8.39 -9.03 7.85
N PRO A 409 -9.72 -8.87 7.80
CA PRO A 409 -10.53 -9.99 7.28
C PRO A 409 -10.12 -10.41 5.88
N ILE A 410 -9.74 -9.45 5.04
CA ILE A 410 -9.30 -9.76 3.69
C ILE A 410 -7.98 -10.51 3.71
N TYR A 411 -7.06 -10.14 4.60
CA TYR A 411 -5.76 -10.79 4.67
C TYR A 411 -5.90 -12.28 4.96
N GLU A 412 -6.73 -12.62 5.94
CA GLU A 412 -6.95 -14.03 6.26
C GLU A 412 -7.65 -14.74 5.11
N ALA A 413 -8.64 -14.10 4.49
CA ALA A 413 -9.32 -14.68 3.35
C ALA A 413 -8.36 -14.89 2.18
N ALA A 414 -7.39 -13.99 2.02
CA ALA A 414 -6.42 -14.14 0.93
C ALA A 414 -5.51 -15.34 1.18
N ASP A 415 -5.04 -15.51 2.42
CA ASP A 415 -4.24 -16.69 2.74
C ASP A 415 -5.08 -17.97 2.64
N LYS A 416 -6.35 -17.90 3.03
CA LYS A 416 -7.24 -19.04 2.87
C LYS A 416 -7.47 -19.35 1.40
N ALA A 417 -7.65 -18.32 0.58
CA ALA A 417 -7.84 -18.53 -0.85
C ALA A 417 -6.58 -19.09 -1.50
N LEU A 418 -5.42 -18.57 -1.13
CA LEU A 418 -4.16 -19.09 -1.67
C LEU A 418 -3.95 -20.53 -1.26
N LYS A 419 -4.35 -20.88 -0.03
CA LYS A 419 -4.22 -22.27 0.43
C LYS A 419 -5.05 -23.20 -0.44
N THR A 420 -6.31 -22.84 -0.71
CA THR A 420 -7.15 -23.66 -1.57
C THR A 420 -6.58 -23.75 -2.98
N PHE A 421 -6.11 -22.61 -3.52
CA PHE A 421 -5.54 -22.61 -4.86
C PHE A 421 -4.27 -23.45 -4.92
N GLN A 422 -3.42 -23.37 -3.88
CA GLN A 422 -2.12 -24.02 -3.92
C GLN A 422 -2.21 -25.51 -3.58
N GLU A 423 -3.18 -25.91 -2.77
CA GLU A 423 -3.28 -27.28 -2.31
C GLU A 423 -4.32 -28.10 -3.05
N GLU A 424 -5.41 -27.50 -3.50
CA GLU A 424 -6.50 -28.23 -4.14
C GLU A 424 -6.61 -28.01 -5.64
N PHE A 425 -6.38 -26.80 -6.13
CA PHE A 425 -6.57 -26.52 -7.55
C PHE A 425 -5.35 -26.83 -8.40
N MET A 426 -4.15 -26.49 -7.91
CA MET A 426 -2.95 -26.75 -8.70
C MET A 426 -2.70 -28.23 -8.97
N PRO A 427 -2.88 -29.16 -8.03
CA PRO A 427 -2.62 -30.58 -8.32
C PRO A 427 -3.67 -31.26 -9.18
N VAL A 428 -4.69 -30.53 -9.67
CA VAL A 428 -5.73 -31.15 -10.48
C VAL A 428 -5.14 -31.62 -11.80
N GLU A 429 -5.50 -32.84 -12.22
CA GLU A 429 -4.98 -33.44 -13.44
C GLU A 429 -6.03 -33.69 -14.51
N THR A 430 -7.30 -33.80 -14.16
CA THR A 430 -8.37 -34.05 -15.12
C THR A 430 -9.43 -32.97 -15.00
N PHE A 431 -10.14 -32.73 -16.10
CA PHE A 431 -11.22 -31.74 -16.08
C PHE A 431 -12.36 -32.17 -15.16
N SER A 432 -12.58 -33.48 -15.02
CA SER A 432 -13.59 -33.96 -14.09
C SER A 432 -13.22 -33.64 -12.65
N GLU A 433 -11.93 -33.76 -12.31
CA GLU A 433 -11.49 -33.38 -10.98
C GLU A 433 -11.61 -31.88 -10.74
N PHE A 434 -11.45 -31.08 -11.81
CA PHE A 434 -11.58 -29.63 -11.67
C PHE A 434 -13.00 -29.26 -11.24
N LEU A 435 -14.01 -29.82 -11.92
CA LEU A 435 -15.39 -29.54 -11.55
C LEU A 435 -15.70 -30.04 -10.15
N ASP A 436 -14.98 -31.06 -9.68
CA ASP A 436 -15.15 -31.52 -8.31
C ASP A 436 -14.65 -30.49 -7.31
N VAL A 437 -13.44 -29.96 -7.55
CA VAL A 437 -12.88 -28.97 -6.63
C VAL A 437 -13.61 -27.64 -6.77
N ALA A 438 -13.95 -27.25 -8.00
CA ALA A 438 -14.64 -25.98 -8.21
C ALA A 438 -16.06 -26.03 -7.68
N GLY A 439 -16.66 -27.21 -7.60
CA GLY A 439 -18.01 -27.35 -7.09
C GLY A 439 -19.11 -27.16 -8.11
N LEU A 440 -18.80 -27.28 -9.39
CA LEU A 440 -19.78 -27.06 -10.45
C LEU A 440 -20.60 -28.30 -10.78
N LEU A 441 -20.42 -29.40 -10.05
CA LEU A 441 -21.18 -30.61 -10.32
C LEU A 441 -22.64 -30.47 -9.94
N SER A 442 -22.99 -29.48 -9.12
CA SER A 442 -24.38 -29.25 -8.78
C SER A 442 -25.17 -28.67 -9.95
N GLU A 443 -24.49 -28.03 -10.91
CA GLU A 443 -25.15 -27.46 -12.08
C GLU A 443 -24.59 -27.96 -13.40
N ILE A 444 -23.49 -28.69 -13.39
CA ILE A 444 -22.96 -29.36 -14.58
C ILE A 444 -22.95 -30.85 -14.27
N THR A 445 -24.05 -31.53 -14.59
CA THR A 445 -24.22 -32.93 -14.23
C THR A 445 -23.44 -33.87 -15.15
N ASP A 446 -23.09 -33.44 -16.36
CA ASP A 446 -22.42 -34.29 -17.35
C ASP A 446 -21.06 -33.70 -17.66
N PRO A 447 -20.03 -34.04 -16.87
CA PRO A 447 -18.69 -33.46 -17.12
C PRO A 447 -18.06 -33.96 -18.41
N GLU A 448 -18.23 -35.24 -18.74
CA GLU A 448 -17.63 -35.78 -19.95
C GLU A 448 -18.18 -35.13 -21.20
N SER A 449 -19.50 -34.97 -21.26
CA SER A 449 -20.12 -34.38 -22.44
C SER A 449 -20.00 -32.86 -22.46
N PHE A 450 -19.95 -32.22 -21.29
CA PHE A 450 -19.89 -30.76 -21.24
C PHE A 450 -18.70 -30.21 -22.03
N LEU A 451 -17.57 -30.92 -22.00
CA LEU A 451 -16.41 -30.47 -22.75
C LEU A 451 -16.60 -30.69 -24.25
N LYS A 452 -16.67 -31.97 -24.67
CA LYS A 452 -16.68 -32.28 -26.09
C LYS A 452 -17.87 -31.66 -26.83
N ASP A 453 -18.98 -31.42 -26.13
CA ASP A 453 -20.10 -30.71 -26.76
C ASP A 453 -19.77 -29.24 -26.95
N LEU A 454 -19.03 -28.65 -26.01
CA LEU A 454 -18.68 -27.23 -26.13
C LEU A 454 -17.73 -27.00 -27.29
N LEU A 455 -16.69 -27.83 -27.42
CA LEU A 455 -15.79 -27.70 -28.55
C LEU A 455 -16.46 -28.06 -29.88
N ASN A 456 -17.55 -28.83 -29.84
CA ASN A 456 -18.32 -29.07 -31.05
C ASN A 456 -19.32 -27.95 -31.32
N SER A 457 -19.74 -27.24 -30.27
CA SER A 457 -20.76 -26.20 -30.43
C SER A 457 -20.22 -24.95 -31.12
N VAL A 458 -18.91 -24.79 -31.20
CA VAL A 458 -18.27 -23.60 -31.75
C VAL A 458 -17.73 -23.92 -33.13
N PRO A 459 -17.98 -23.10 -34.15
CA PRO A 459 -17.41 -23.27 -35.49
C PRO A 459 -15.90 -23.07 -35.50
N GLY B 5 9.47 14.17 28.05
CA GLY B 5 9.97 15.13 27.08
C GLY B 5 9.10 15.23 25.84
N SER B 6 7.78 15.33 26.05
CA SER B 6 6.79 15.52 25.00
C SER B 6 6.76 14.34 24.02
N MET B 7 7.90 14.01 23.42
CA MET B 7 8.00 12.94 22.43
C MET B 7 7.07 13.22 21.24
N SER B 8 7.03 14.48 20.80
CA SER B 8 6.12 14.87 19.74
C SER B 8 6.67 14.56 18.35
N THR B 9 7.98 14.63 18.17
CA THR B 9 8.59 14.45 16.87
C THR B 9 8.42 13.02 16.38
N PRO B 10 8.63 12.78 15.06
CA PRO B 10 8.62 11.40 14.55
C PRO B 10 9.63 10.51 15.27
N ALA B 11 10.91 10.86 15.19
CA ALA B 11 11.86 10.30 16.13
C ALA B 11 11.43 10.67 17.55
N ARG B 12 11.89 9.87 18.51
CA ARG B 12 11.40 9.84 19.90
C ARG B 12 10.12 9.03 19.95
N ARG B 13 9.12 9.37 19.13
CA ARG B 13 7.94 8.53 18.99
C ARG B 13 8.34 7.13 18.54
N ARG B 14 9.32 7.04 17.64
CA ARG B 14 9.90 5.75 17.27
C ARG B 14 10.86 5.25 18.34
N LEU B 15 11.64 6.16 18.93
CA LEU B 15 12.57 5.76 19.99
C LEU B 15 11.84 5.27 21.23
N MET B 16 10.67 5.83 21.53
CA MET B 16 9.84 5.26 22.58
C MET B 16 9.35 3.87 22.19
N ARG B 17 9.01 3.68 20.91
CA ARG B 17 8.58 2.37 20.44
C ARG B 17 9.73 1.38 20.48
N ASP B 18 10.94 1.82 20.12
CA ASP B 18 12.11 0.96 20.26
C ASP B 18 12.40 0.66 21.73
N PHE B 19 12.10 1.60 22.61
CA PHE B 19 12.31 1.39 24.04
C PHE B 19 11.39 0.31 24.58
N LYS B 20 10.09 0.42 24.32
CA LYS B 20 9.14 -0.58 24.79
C LYS B 20 9.43 -1.94 24.16
N ARG B 21 9.94 -1.96 22.93
CA ARG B 21 10.32 -3.23 22.29
C ARG B 21 11.54 -3.83 22.98
N LEU B 22 12.55 -3.01 23.30
CA LEU B 22 13.74 -3.49 23.97
C LEU B 22 13.51 -3.74 25.46
N GLN B 23 12.45 -3.18 26.03
CA GLN B 23 12.16 -3.35 27.45
C GLN B 23 11.35 -4.61 27.73
N GLU B 24 10.22 -4.78 27.02
CA GLU B 24 9.31 -5.89 27.28
C GLU B 24 9.69 -7.17 26.54
N ASP B 25 10.67 -7.11 25.64
CA ASP B 25 11.16 -8.31 24.95
C ASP B 25 12.61 -8.08 24.54
N PRO B 26 13.52 -8.02 25.50
CA PRO B 26 14.93 -7.79 25.18
C PRO B 26 15.60 -9.07 24.70
N PRO B 27 16.48 -8.97 23.71
CA PRO B 27 17.23 -10.15 23.28
C PRO B 27 18.18 -10.63 24.38
N ALA B 28 18.48 -11.92 24.34
CA ALA B 28 19.38 -12.50 25.34
C ALA B 28 20.80 -12.01 25.11
N GLY B 29 21.46 -11.57 26.18
CA GLY B 29 22.82 -11.10 26.12
C GLY B 29 22.98 -9.60 25.96
N VAL B 30 21.94 -8.90 25.53
CA VAL B 30 21.99 -7.45 25.37
C VAL B 30 20.86 -6.81 26.15
N SER B 31 21.07 -5.56 26.57
CA SER B 31 20.08 -4.78 27.28
C SER B 31 20.46 -3.32 27.17
N GLY B 32 19.49 -2.47 26.82
CA GLY B 32 19.76 -1.06 26.64
C GLY B 32 18.62 -0.21 27.18
N ALA B 33 18.90 1.09 27.29
CA ALA B 33 17.94 2.06 27.79
C ALA B 33 18.42 3.47 27.47
N PRO B 34 17.51 4.43 27.27
CA PRO B 34 17.92 5.81 27.02
C PRO B 34 18.38 6.48 28.30
N SER B 35 19.00 7.64 28.13
CA SER B 35 19.37 8.46 29.27
C SER B 35 18.12 8.93 30.00
N GLU B 36 18.30 9.26 31.29
CA GLU B 36 17.17 9.66 32.11
C GLU B 36 16.52 10.95 31.60
N ASN B 37 17.28 11.79 30.90
CA ASN B 37 16.78 13.06 30.40
C ASN B 37 16.74 13.12 28.88
N ASN B 38 17.87 12.90 28.21
CA ASN B 38 17.94 12.99 26.76
C ASN B 38 17.70 11.62 26.14
N ILE B 39 16.60 11.48 25.42
CA ILE B 39 16.28 10.20 24.78
C ILE B 39 17.16 9.95 23.56
N MET B 40 17.83 10.98 23.04
CA MET B 40 18.68 10.83 21.87
C MET B 40 20.01 10.15 22.17
N VAL B 41 20.24 9.73 23.41
CA VAL B 41 21.46 9.05 23.81
C VAL B 41 21.08 7.82 24.62
N TRP B 42 21.49 6.64 24.16
CA TRP B 42 21.20 5.39 24.84
C TRP B 42 22.48 4.74 25.34
N ASN B 43 22.33 3.92 26.37
CA ASN B 43 23.41 3.10 26.90
C ASN B 43 22.98 1.64 26.85
N ALA B 44 23.83 0.79 26.29
CA ALA B 44 23.51 -0.63 26.15
C ALA B 44 24.74 -1.46 26.46
N VAL B 45 24.51 -2.62 27.07
CA VAL B 45 25.56 -3.58 27.39
C VAL B 45 25.32 -4.83 26.55
N ILE B 46 26.41 -5.36 25.99
CA ILE B 46 26.37 -6.57 25.17
C ILE B 46 27.26 -7.61 25.84
N PHE B 47 26.66 -8.65 26.38
CA PHE B 47 27.41 -9.73 27.00
C PHE B 47 28.03 -10.62 25.93
N GLY B 48 29.26 -11.05 26.18
CA GLY B 48 29.94 -11.94 25.26
C GLY B 48 29.27 -13.30 25.21
N PRO B 49 28.85 -13.71 24.02
CA PRO B 49 28.17 -15.00 23.88
C PRO B 49 29.13 -16.16 24.12
N GLU B 50 28.54 -17.29 24.54
CA GLU B 50 29.33 -18.47 24.83
C GLU B 50 29.90 -19.07 23.54
N GLY B 51 30.84 -20.00 23.71
CA GLY B 51 31.54 -20.58 22.59
C GLY B 51 32.49 -19.66 21.88
N THR B 52 32.67 -18.44 22.39
CA THR B 52 33.55 -17.44 21.81
C THR B 52 34.47 -16.91 22.89
N PRO B 53 35.62 -16.34 22.51
CA PRO B 53 36.53 -15.78 23.53
C PRO B 53 35.99 -14.55 24.24
N PHE B 54 34.85 -14.00 23.80
CA PHE B 54 34.27 -12.83 24.42
C PHE B 54 33.39 -13.16 25.63
N GLU B 55 33.22 -14.44 25.95
CA GLU B 55 32.35 -14.84 27.04
C GLU B 55 32.81 -14.22 28.37
N ASP B 56 31.85 -14.08 29.29
CA ASP B 56 32.07 -13.50 30.61
C ASP B 56 32.51 -12.04 30.55
N GLY B 57 32.17 -11.35 29.46
CA GLY B 57 32.52 -9.94 29.28
C GLY B 57 31.27 -9.07 29.35
N THR B 58 31.40 -7.92 29.99
CA THR B 58 30.33 -6.94 30.12
C THR B 58 30.71 -5.73 29.27
N PHE B 59 30.51 -5.85 27.97
CA PHE B 59 30.91 -4.81 27.02
C PHE B 59 29.81 -3.76 26.92
N LYS B 60 30.16 -2.52 27.25
CA LYS B 60 29.22 -1.40 27.22
C LYS B 60 29.46 -0.56 25.97
N LEU B 61 28.37 -0.04 25.41
CA LEU B 61 28.45 0.84 24.26
C LEU B 61 27.34 1.87 24.32
N THR B 62 27.56 3.02 23.70
CA THR B 62 26.59 4.10 23.66
C THR B 62 26.08 4.31 22.24
N ILE B 63 24.81 4.66 22.12
CA ILE B 63 24.16 4.90 20.84
C ILE B 63 23.64 6.34 20.83
N GLU B 64 23.90 7.06 19.74
CA GLU B 64 23.51 8.44 19.60
C GLU B 64 22.60 8.59 18.39
N PHE B 65 21.37 9.04 18.62
CA PHE B 65 20.40 9.24 17.56
C PHE B 65 20.28 10.73 17.23
N THR B 66 19.77 11.01 16.04
CA THR B 66 19.38 12.34 15.63
C THR B 66 17.88 12.37 15.39
N GLU B 67 17.37 13.54 15.01
CA GLU B 67 15.96 13.65 14.65
C GLU B 67 15.68 13.09 13.26
N GLU B 68 16.71 12.71 12.50
CA GLU B 68 16.55 12.01 11.24
C GLU B 68 16.23 10.54 11.43
N TYR B 69 16.28 10.04 12.65
CA TYR B 69 15.97 8.64 12.92
C TYR B 69 14.49 8.37 12.61
N PRO B 70 14.17 7.20 12.04
CA PRO B 70 15.07 6.10 11.68
C PRO B 70 15.57 6.15 10.24
N ASN B 71 15.46 7.31 9.58
CA ASN B 71 15.90 7.40 8.19
C ASN B 71 17.42 7.32 8.10
N LYS B 72 18.14 7.89 9.07
CA LYS B 72 19.59 7.82 9.09
C LYS B 72 20.06 6.99 10.27
N PRO B 73 21.13 6.20 10.11
CA PRO B 73 21.50 5.28 11.17
C PRO B 73 22.13 6.01 12.35
N PRO B 74 22.08 5.45 13.54
CA PRO B 74 22.70 6.10 14.70
C PRO B 74 24.17 5.75 14.82
N THR B 75 24.91 6.66 15.46
CA THR B 75 26.34 6.48 15.68
C THR B 75 26.54 5.62 16.92
N VAL B 76 27.06 4.41 16.73
CA VAL B 76 27.28 3.46 17.81
C VAL B 76 28.78 3.25 17.98
N ARG B 77 29.25 3.37 19.22
CA ARG B 77 30.66 3.13 19.54
C ARG B 77 30.75 2.37 20.85
N PHE B 78 31.77 1.53 20.96
CA PHE B 78 32.03 0.78 22.19
C PHE B 78 32.70 1.69 23.22
N VAL B 79 32.15 1.72 24.43
CA VAL B 79 32.82 2.42 25.51
C VAL B 79 33.88 1.54 26.16
N SER B 80 33.57 0.26 26.35
CA SER B 80 34.56 -0.68 26.85
C SER B 80 35.61 -0.95 25.77
N LYS B 81 36.81 -1.33 26.22
CA LYS B 81 37.90 -1.59 25.31
C LYS B 81 37.62 -2.84 24.49
N MET B 82 37.79 -2.73 23.17
CA MET B 82 37.40 -3.80 22.26
C MET B 82 38.55 -4.16 21.34
N PHE B 83 38.72 -5.46 21.10
CA PHE B 83 39.71 -6.00 20.17
C PHE B 83 38.97 -6.94 19.23
N HIS B 84 38.56 -6.43 18.07
CA HIS B 84 37.74 -7.18 17.13
C HIS B 84 38.10 -6.76 15.71
N PRO B 85 38.08 -7.69 14.75
CA PRO B 85 38.45 -7.31 13.37
C PRO B 85 37.54 -6.27 12.75
N ASN B 86 36.28 -6.19 13.19
CA ASN B 86 35.31 -5.27 12.62
C ASN B 86 35.02 -4.08 13.53
N VAL B 87 35.95 -3.73 14.40
CA VAL B 87 35.79 -2.60 15.32
C VAL B 87 37.02 -1.71 15.21
N TYR B 88 36.80 -0.44 14.88
CA TYR B 88 37.91 0.50 14.75
C TYR B 88 38.51 0.79 16.14
N ALA B 89 39.57 1.59 16.14
CA ALA B 89 40.32 1.86 17.36
C ALA B 89 39.59 2.81 18.32
N ASP B 90 38.52 3.46 17.89
CA ASP B 90 37.78 4.40 18.72
C ASP B 90 36.38 3.90 19.06
N GLY B 91 36.15 2.59 18.97
CA GLY B 91 34.84 2.02 19.22
C GLY B 91 33.92 1.97 18.03
N SER B 92 34.27 2.65 16.93
CA SER B 92 33.44 2.60 15.73
C SER B 92 33.37 1.18 15.20
N ILE B 93 32.20 0.81 14.69
CA ILE B 93 31.93 -0.55 14.22
C ILE B 93 31.83 -0.52 12.70
N LYS B 94 32.75 -1.22 12.04
CA LYS B 94 32.73 -1.36 10.59
C LYS B 94 31.72 -2.43 10.22
N LEU B 95 30.45 -2.04 10.18
CA LEU B 95 29.35 -2.93 9.85
C LEU B 95 28.46 -2.27 8.80
N ASP B 96 28.08 -3.04 7.79
CA ASP B 96 27.31 -2.48 6.68
C ASP B 96 25.90 -2.09 7.12
N ILE B 97 25.31 -2.86 8.03
CA ILE B 97 23.96 -2.58 8.49
C ILE B 97 23.90 -1.22 9.20
N LEU B 98 24.98 -0.82 9.86
CA LEU B 98 25.03 0.45 10.56
C LEU B 98 25.47 1.62 9.68
N GLN B 99 25.89 1.36 8.44
CA GLN B 99 26.44 2.44 7.61
C GLN B 99 25.68 2.56 6.30
N ASN B 100 26.14 1.87 5.25
CA ASN B 100 25.53 2.03 3.94
C ASN B 100 24.27 1.20 3.80
N ARG B 101 24.26 -0.04 4.31
CA ARG B 101 23.11 -0.93 4.22
C ARG B 101 22.10 -0.71 5.34
N TRP B 102 21.99 0.52 5.85
CA TRP B 102 21.05 0.80 6.93
C TRP B 102 19.63 0.85 6.38
N SER B 103 18.75 0.06 6.98
CA SER B 103 17.33 0.08 6.61
C SER B 103 16.54 0.86 7.65
N PRO B 104 15.65 1.77 7.23
CA PRO B 104 14.83 2.49 8.22
C PRO B 104 13.91 1.59 9.03
N THR B 105 13.81 0.30 8.69
CA THR B 105 13.01 -0.63 9.48
C THR B 105 13.75 -1.17 10.69
N TYR B 106 15.07 -1.05 10.72
CA TYR B 106 15.85 -1.55 11.84
C TYR B 106 15.60 -0.67 13.07
N ASP B 107 15.46 -1.33 14.22
CA ASP B 107 15.29 -0.64 15.49
C ASP B 107 16.52 -0.89 16.37
N VAL B 108 16.45 -0.41 17.62
CA VAL B 108 17.58 -0.57 18.53
C VAL B 108 17.79 -2.03 18.88
N SER B 109 16.71 -2.81 18.97
CA SER B 109 16.85 -4.24 19.26
C SER B 109 17.57 -4.95 18.11
N SER B 110 17.23 -4.63 16.87
CA SER B 110 17.90 -5.24 15.73
C SER B 110 19.34 -4.76 15.58
N ILE B 111 19.67 -3.58 16.11
CA ILE B 111 21.05 -3.12 16.06
C ILE B 111 21.91 -3.88 17.06
N LEU B 112 21.37 -4.13 18.25
CA LEU B 112 22.15 -4.80 19.30
C LEU B 112 22.39 -6.26 18.94
N THR B 113 21.42 -6.92 18.30
CA THR B 113 21.61 -8.31 17.92
C THR B 113 22.63 -8.43 16.78
N SER B 114 22.65 -7.46 15.87
CA SER B 114 23.62 -7.49 14.78
C SER B 114 25.04 -7.32 15.32
N ILE B 115 25.21 -6.48 16.35
CA ILE B 115 26.53 -6.31 16.95
C ILE B 115 26.87 -7.50 17.82
N GLN B 116 25.87 -8.09 18.49
CA GLN B 116 26.11 -9.27 19.32
C GLN B 116 26.56 -10.44 18.47
N SER B 117 25.88 -10.70 17.36
CA SER B 117 26.28 -11.78 16.47
C SER B 117 27.58 -11.48 15.74
N LEU B 118 27.96 -10.19 15.65
CA LEU B 118 29.24 -9.85 15.03
C LEU B 118 30.43 -10.25 15.89
N LEU B 119 30.25 -10.28 17.22
CA LEU B 119 31.32 -10.72 18.10
C LEU B 119 31.55 -12.23 17.97
N ASP B 120 30.47 -12.99 17.76
CA ASP B 120 30.61 -14.44 17.61
C ASP B 120 31.30 -14.80 16.30
N GLU B 121 30.77 -14.32 15.19
CA GLU B 121 31.34 -14.57 13.86
C GLU B 121 31.80 -13.26 13.23
N PRO B 122 33.07 -12.89 13.37
CA PRO B 122 33.54 -11.65 12.75
C PRO B 122 33.57 -11.76 11.23
N ASN B 123 33.81 -10.61 10.59
CA ASN B 123 33.97 -10.51 9.15
C ASN B 123 35.38 -10.03 8.88
N PRO B 124 36.36 -10.93 8.81
CA PRO B 124 37.77 -10.48 8.71
C PRO B 124 38.18 -10.00 7.34
N ASN B 125 37.48 -10.39 6.27
CA ASN B 125 37.90 -9.99 4.93
C ASN B 125 37.73 -8.49 4.71
N SER B 126 36.81 -7.86 5.45
CA SER B 126 36.64 -6.41 5.45
C SER B 126 37.09 -5.88 6.80
N PRO B 127 38.38 -5.61 6.98
CA PRO B 127 38.91 -5.31 8.32
C PRO B 127 38.84 -3.84 8.69
N ALA B 128 38.55 -3.60 9.97
CA ALA B 128 38.71 -2.29 10.59
C ALA B 128 39.92 -2.22 11.52
N ASN B 129 40.26 -3.34 12.17
CA ASN B 129 41.47 -3.46 12.97
C ASN B 129 42.39 -4.44 12.26
N SER B 130 43.47 -3.93 11.68
CA SER B 130 44.38 -4.78 10.92
C SER B 130 45.02 -5.84 11.80
N GLN B 131 45.25 -5.52 13.08
CA GLN B 131 45.90 -6.48 13.98
C GLN B 131 44.96 -7.63 14.33
N ALA B 132 43.69 -7.33 14.56
CA ALA B 132 42.73 -8.38 14.94
C ALA B 132 42.31 -9.22 13.75
N ALA B 133 42.33 -8.65 12.54
CA ALA B 133 41.95 -9.43 11.36
C ALA B 133 42.97 -10.50 11.03
N GLN B 134 44.26 -10.17 11.17
CA GLN B 134 45.31 -11.14 10.89
C GLN B 134 45.36 -12.25 11.93
N LEU B 135 45.05 -11.93 13.19
CA LEU B 135 45.10 -12.93 14.24
C LEU B 135 43.91 -13.88 14.20
N TYR B 136 42.77 -13.43 13.68
CA TYR B 136 41.59 -14.29 13.60
C TYR B 136 41.76 -15.41 12.59
N GLN B 137 42.62 -15.23 11.59
CA GLN B 137 42.83 -16.24 10.55
C GLN B 137 44.13 -17.01 10.71
N GLU B 138 45.13 -16.44 11.37
CA GLU B 138 46.43 -17.08 11.48
C GLU B 138 46.60 -17.80 12.81
N ASN B 139 46.82 -17.04 13.89
CA ASN B 139 47.08 -17.61 15.20
C ASN B 139 45.81 -17.47 16.04
N LYS B 140 45.03 -18.55 16.11
CA LYS B 140 43.79 -18.52 16.90
C LYS B 140 44.07 -18.47 18.39
N ARG B 141 45.28 -18.80 18.83
CA ARG B 141 45.60 -18.76 20.25
C ARG B 141 45.84 -17.32 20.72
N GLU B 142 46.58 -16.54 19.96
CA GLU B 142 46.82 -15.15 20.33
C GLU B 142 45.56 -14.31 20.22
N TYR B 143 44.69 -14.63 19.27
CA TYR B 143 43.42 -13.92 19.14
C TYR B 143 42.57 -14.10 20.38
N GLU B 144 42.31 -15.35 20.77
CA GLU B 144 41.54 -15.63 21.98
C GLU B 144 42.28 -15.25 23.25
N LYS B 145 43.58 -14.94 23.17
CA LYS B 145 44.31 -14.46 24.33
C LYS B 145 44.14 -12.95 24.50
N ARG B 146 44.18 -12.20 23.40
CA ARG B 146 43.96 -10.76 23.47
C ARG B 146 42.52 -10.44 23.79
N VAL B 147 41.57 -11.25 23.32
CA VAL B 147 40.16 -11.03 23.62
C VAL B 147 39.89 -11.27 25.10
N SER B 148 40.56 -12.27 25.69
CA SER B 148 40.41 -12.51 27.12
C SER B 148 40.97 -11.35 27.95
N ALA B 149 41.88 -10.56 27.37
CA ALA B 149 42.40 -9.40 28.10
C ALA B 149 41.36 -8.29 28.17
N ILE B 150 40.58 -8.09 27.11
CA ILE B 150 39.51 -7.10 27.15
C ILE B 150 38.28 -7.63 27.88
N VAL B 151 38.16 -8.95 28.03
CA VAL B 151 37.09 -9.49 28.87
C VAL B 151 37.34 -9.14 30.32
N GLU B 152 38.59 -9.25 30.78
CA GLU B 152 38.93 -8.78 32.11
C GLU B 152 38.88 -7.25 32.18
N GLN B 153 39.22 -6.57 31.08
CA GLN B 153 39.17 -5.12 31.06
C GLN B 153 37.73 -4.60 31.04
N SER B 154 36.80 -5.39 30.48
CA SER B 154 35.39 -5.01 30.52
C SER B 154 34.85 -4.99 31.94
N TRP B 155 35.54 -5.66 32.87
CA TRP B 155 35.18 -5.58 34.29
C TRP B 155 35.70 -4.31 34.95
N ARG B 156 36.68 -3.65 34.33
CA ARG B 156 37.28 -2.43 34.87
C ARG B 156 36.56 -1.23 34.28
N ASP B 157 35.52 -0.77 34.97
CA ASP B 157 34.78 0.41 34.55
C ASP B 157 34.26 1.20 35.75
N SER C 8 1.30 18.11 27.73
CA SER C 8 1.49 19.16 26.75
C SER C 8 2.65 18.84 25.80
N THR C 9 2.38 18.98 24.51
CA THR C 9 3.36 18.80 23.45
C THR C 9 3.42 20.07 22.60
N PRO C 10 4.48 20.26 21.82
CA PRO C 10 4.55 21.46 20.95
C PRO C 10 3.34 21.64 20.06
N ALA C 11 2.71 20.56 19.60
CA ALA C 11 1.53 20.69 18.75
C ALA C 11 0.32 21.16 19.55
N ARG C 12 0.18 20.68 20.79
CA ARG C 12 -0.96 21.08 21.60
C ARG C 12 -0.85 22.53 22.06
N ARG C 13 0.35 22.94 22.48
CA ARG C 13 0.54 24.33 22.89
C ARG C 13 0.31 25.28 21.72
N ARG C 14 0.67 24.86 20.51
CA ARG C 14 0.36 25.66 19.32
C ARG C 14 -1.14 25.67 19.06
N LEU C 15 -1.82 24.54 19.29
CA LEU C 15 -3.26 24.50 19.10
C LEU C 15 -4.00 25.41 20.08
N MET C 16 -3.42 25.63 21.26
CA MET C 16 -4.02 26.60 22.18
C MET C 16 -3.95 28.01 21.64
N ARG C 17 -2.84 28.35 20.98
CA ARG C 17 -2.72 29.67 20.37
C ARG C 17 -3.72 29.83 19.23
N ASP C 18 -3.99 28.75 18.48
CA ASP C 18 -4.99 28.81 17.43
C ASP C 18 -6.37 29.08 18.01
N PHE C 19 -6.67 28.52 19.17
CA PHE C 19 -7.96 28.75 19.81
C PHE C 19 -8.11 30.19 20.27
N LYS C 20 -7.02 30.82 20.71
CA LYS C 20 -7.09 32.20 21.18
C LYS C 20 -7.45 33.14 20.03
N ARG C 21 -6.66 33.10 18.95
CA ARG C 21 -6.91 34.00 17.82
C ARG C 21 -8.22 33.71 17.11
N LEU C 22 -8.79 32.52 17.31
CA LEU C 22 -10.11 32.22 16.79
C LEU C 22 -11.22 32.64 17.75
N GLN C 23 -10.89 32.92 19.01
CA GLN C 23 -11.85 33.45 19.97
C GLN C 23 -11.71 34.94 20.19
N GLU C 24 -10.51 35.50 20.02
CA GLU C 24 -10.29 36.93 20.17
C GLU C 24 -10.54 37.69 18.88
N ASP C 25 -10.06 37.16 17.74
CA ASP C 25 -10.26 37.77 16.44
C ASP C 25 -10.89 36.74 15.50
N PRO C 26 -12.15 36.40 15.71
CA PRO C 26 -12.82 35.44 14.83
C PRO C 26 -13.30 36.13 13.55
N PRO C 27 -12.82 35.69 12.39
CA PRO C 27 -13.26 36.32 11.14
C PRO C 27 -14.75 36.07 10.90
N ALA C 28 -15.36 37.00 10.16
CA ALA C 28 -16.79 36.93 9.92
C ALA C 28 -17.14 35.73 9.06
N GLY C 29 -18.16 34.98 9.48
CA GLY C 29 -18.64 33.84 8.72
C GLY C 29 -18.13 32.49 9.17
N VAL C 30 -17.22 32.45 10.15
CA VAL C 30 -16.69 31.18 10.65
C VAL C 30 -16.71 31.21 12.18
N SER C 31 -16.64 30.01 12.75
CA SER C 31 -16.57 29.82 14.20
C SER C 31 -16.21 28.38 14.53
N GLY C 32 -15.02 28.18 15.08
CA GLY C 32 -14.56 26.84 15.41
C GLY C 32 -14.05 26.76 16.84
N ALA C 33 -13.96 25.53 17.33
CA ALA C 33 -13.51 25.26 18.69
C ALA C 33 -13.14 23.80 18.80
N PRO C 34 -12.19 23.45 19.66
CA PRO C 34 -11.85 22.03 19.85
C PRO C 34 -12.95 21.30 20.59
N SER C 35 -12.86 19.97 20.56
CA SER C 35 -13.78 19.15 21.32
C SER C 35 -13.45 19.24 22.82
N GLU C 36 -14.45 18.93 23.64
CA GLU C 36 -14.27 19.05 25.08
C GLU C 36 -13.25 18.05 25.62
N ASN C 37 -13.08 16.91 24.94
CA ASN C 37 -12.18 15.87 25.39
C ASN C 37 -10.83 15.90 24.67
N ASN C 38 -10.86 15.96 23.34
CA ASN C 38 -9.64 15.88 22.53
C ASN C 38 -9.34 17.25 21.93
N ILE C 39 -8.12 17.73 22.17
CA ILE C 39 -7.70 19.01 21.59
C ILE C 39 -7.35 18.85 20.10
N MET C 40 -6.97 17.65 19.69
CA MET C 40 -6.56 17.39 18.31
C MET C 40 -7.72 17.31 17.33
N VAL C 41 -8.96 17.33 17.81
CA VAL C 41 -10.14 17.24 16.96
C VAL C 41 -10.97 18.50 17.16
N TRP C 42 -11.08 19.30 16.10
CA TRP C 42 -11.83 20.54 16.13
C TRP C 42 -13.11 20.40 15.32
N ASN C 43 -14.08 21.25 15.65
CA ASN C 43 -15.34 21.35 14.91
C ASN C 43 -15.60 22.81 14.62
N ALA C 44 -15.79 23.13 13.34
CA ALA C 44 -15.97 24.51 12.91
C ALA C 44 -17.22 24.62 12.03
N VAL C 45 -17.81 25.81 12.03
CA VAL C 45 -18.93 26.14 11.16
C VAL C 45 -18.51 27.28 10.25
N ILE C 46 -18.88 27.19 8.97
CA ILE C 46 -18.58 28.22 7.99
C ILE C 46 -19.89 28.64 7.35
N PHE C 47 -20.37 29.83 7.72
CA PHE C 47 -21.59 30.36 7.11
C PHE C 47 -21.32 30.74 5.67
N GLY C 48 -22.23 30.34 4.78
CA GLY C 48 -22.08 30.61 3.36
C GLY C 48 -21.94 32.09 3.07
N PRO C 49 -20.93 32.45 2.28
CA PRO C 49 -20.69 33.87 2.00
C PRO C 49 -21.87 34.52 1.30
N GLU C 50 -22.15 35.77 1.70
CA GLU C 50 -23.27 36.49 1.13
C GLU C 50 -22.98 36.92 -0.30
N GLY C 51 -24.00 36.82 -1.14
CA GLY C 51 -23.85 37.11 -2.56
C GLY C 51 -23.37 35.96 -3.39
N THR C 52 -23.24 34.77 -2.82
CA THR C 52 -22.77 33.57 -3.49
C THR C 52 -23.88 32.51 -3.45
N PRO C 53 -23.80 31.49 -4.33
CA PRO C 53 -24.82 30.43 -4.29
C PRO C 53 -24.91 29.70 -2.96
N PHE C 54 -23.92 29.83 -2.09
CA PHE C 54 -23.90 29.14 -0.80
C PHE C 54 -24.54 29.96 0.32
N GLU C 55 -25.23 31.04 -0.01
CA GLU C 55 -25.79 31.93 1.00
C GLU C 55 -26.80 31.20 1.88
N ASP C 56 -26.90 31.64 3.13
CA ASP C 56 -27.84 31.09 4.12
C ASP C 56 -27.54 29.62 4.44
N GLY C 57 -26.29 29.22 4.28
CA GLY C 57 -25.85 27.84 4.55
C GLY C 57 -25.00 27.78 5.81
N THR C 58 -25.24 26.75 6.61
CA THR C 58 -24.47 26.50 7.84
C THR C 58 -23.74 25.17 7.67
N PHE C 59 -22.58 25.23 7.02
CA PHE C 59 -21.79 24.04 6.75
C PHE C 59 -20.83 23.80 7.92
N LYS C 60 -20.91 22.62 8.51
CA LYS C 60 -20.11 22.26 9.67
C LYS C 60 -18.98 21.33 9.24
N LEU C 61 -17.78 21.60 9.75
CA LEU C 61 -16.58 20.89 9.35
C LEU C 61 -15.92 20.25 10.56
N THR C 62 -14.89 19.46 10.29
CA THR C 62 -14.06 18.84 11.32
C THR C 62 -12.60 18.96 10.91
N ILE C 63 -11.74 19.23 11.90
CA ILE C 63 -10.31 19.43 11.65
C ILE C 63 -9.54 18.46 12.54
N GLU C 64 -8.83 17.52 11.93
CA GLU C 64 -8.04 16.53 12.64
C GLU C 64 -6.57 16.93 12.61
N PHE C 65 -5.98 17.13 13.78
CA PHE C 65 -4.58 17.48 13.90
C PHE C 65 -3.77 16.28 14.39
N THR C 66 -2.46 16.35 14.17
CA THR C 66 -1.52 15.36 14.67
C THR C 66 -0.39 16.08 15.38
N GLU C 67 0.48 15.30 16.03
CA GLU C 67 1.62 15.87 16.73
C GLU C 67 2.60 16.56 15.78
N GLU C 68 2.49 16.31 14.47
CA GLU C 68 3.32 16.99 13.50
C GLU C 68 2.81 18.38 13.16
N TYR C 69 1.74 18.84 13.80
CA TYR C 69 1.32 20.22 13.66
C TYR C 69 2.27 21.13 14.41
N PRO C 70 2.59 22.32 13.87
CA PRO C 70 2.08 22.91 12.64
C PRO C 70 2.93 22.65 11.39
N ASN C 71 3.84 21.67 11.45
CA ASN C 71 4.69 21.40 10.29
C ASN C 71 3.91 20.71 9.19
N LYS C 72 2.91 19.90 9.54
CA LYS C 72 2.06 19.24 8.57
C LYS C 72 0.63 19.73 8.69
N PRO C 73 -0.07 19.93 7.57
CA PRO C 73 -1.42 20.48 7.64
C PRO C 73 -2.39 19.46 8.21
N PRO C 74 -3.47 19.91 8.83
CA PRO C 74 -4.45 18.98 9.41
C PRO C 74 -5.37 18.42 8.34
N THR C 75 -6.26 17.53 8.76
CA THR C 75 -7.23 16.87 7.88
C THR C 75 -8.54 17.64 7.98
N VAL C 76 -8.71 18.62 7.10
CA VAL C 76 -9.93 19.43 7.06
C VAL C 76 -10.98 18.68 6.24
N ARG C 77 -12.11 18.37 6.87
CA ARG C 77 -13.14 17.55 6.27
C ARG C 77 -14.50 18.18 6.49
N PHE C 78 -15.35 18.14 5.47
CA PHE C 78 -16.72 18.61 5.59
C PHE C 78 -17.60 17.50 6.16
N VAL C 79 -18.53 17.88 7.02
CA VAL C 79 -19.52 16.96 7.55
C VAL C 79 -20.87 17.13 6.85
N SER C 80 -21.34 18.36 6.72
CA SER C 80 -22.51 18.63 5.91
C SER C 80 -22.19 18.35 4.44
N LYS C 81 -23.16 17.77 3.74
CA LYS C 81 -22.95 17.42 2.34
C LYS C 81 -22.68 18.67 1.50
N MET C 82 -21.76 18.54 0.56
CA MET C 82 -21.26 19.69 -0.19
C MET C 82 -21.16 19.34 -1.66
N PHE C 83 -21.68 20.21 -2.51
CA PHE C 83 -21.57 20.09 -3.97
C PHE C 83 -20.67 21.24 -4.44
N HIS C 84 -19.36 20.99 -4.47
CA HIS C 84 -18.39 22.00 -4.82
C HIS C 84 -17.27 21.35 -5.65
N PRO C 85 -16.74 22.07 -6.65
CA PRO C 85 -15.73 21.46 -7.52
C PRO C 85 -14.49 20.95 -6.80
N ASN C 86 -14.03 21.66 -5.77
CA ASN C 86 -12.82 21.27 -5.03
C ASN C 86 -13.13 20.54 -3.73
N VAL C 87 -14.31 19.94 -3.62
CA VAL C 87 -14.70 19.19 -2.43
C VAL C 87 -15.06 17.78 -2.85
N TYR C 88 -14.33 16.80 -2.32
CA TYR C 88 -14.59 15.39 -2.63
C TYR C 88 -15.93 14.95 -2.04
N ALA C 89 -16.24 13.67 -2.21
CA ALA C 89 -17.50 13.13 -1.71
C ALA C 89 -17.47 12.89 -0.21
N ASP C 90 -16.30 12.63 0.36
CA ASP C 90 -16.18 12.35 1.78
C ASP C 90 -16.00 13.60 2.62
N GLY C 91 -15.96 14.79 2.01
CA GLY C 91 -15.80 16.03 2.72
C GLY C 91 -14.43 16.66 2.59
N SER C 92 -13.39 15.88 2.33
CA SER C 92 -12.05 16.43 2.20
C SER C 92 -11.98 17.44 1.06
N ILE C 93 -11.03 18.36 1.16
CA ILE C 93 -10.94 19.52 0.28
C ILE C 93 -9.62 19.46 -0.49
N LYS C 94 -9.70 19.63 -1.81
CA LYS C 94 -8.51 19.77 -2.65
C LYS C 94 -8.13 21.24 -2.68
N LEU C 95 -7.28 21.64 -1.74
CA LEU C 95 -6.83 23.03 -1.64
C LEU C 95 -5.32 23.04 -1.51
N ASP C 96 -4.69 23.99 -2.22
CA ASP C 96 -3.23 24.02 -2.28
C ASP C 96 -2.61 24.23 -0.89
N ILE C 97 -3.20 25.11 -0.08
CA ILE C 97 -2.64 25.37 1.25
C ILE C 97 -2.85 24.19 2.19
N LEU C 98 -3.81 23.32 1.91
CA LEU C 98 -4.07 22.15 2.74
C LEU C 98 -3.27 20.93 2.31
N GLN C 99 -2.54 21.01 1.21
CA GLN C 99 -1.81 19.86 0.68
C GLN C 99 -0.39 20.23 0.28
N ASN C 100 -0.21 20.64 -0.97
CA ASN C 100 1.13 20.96 -1.46
C ASN C 100 1.67 22.23 -0.82
N ARG C 101 1.00 23.36 -1.06
CA ARG C 101 1.50 24.67 -0.63
C ARG C 101 1.10 24.99 0.81
N TRP C 102 1.40 24.09 1.74
CA TRP C 102 1.14 24.34 3.15
C TRP C 102 2.33 25.04 3.80
N SER C 103 2.04 25.98 4.68
CA SER C 103 3.07 26.69 5.43
C SER C 103 2.75 26.64 6.91
N PRO C 104 3.76 26.44 7.77
CA PRO C 104 3.51 26.43 9.22
C PRO C 104 2.99 27.75 9.75
N THR C 105 3.09 28.84 8.98
CA THR C 105 2.58 30.13 9.41
C THR C 105 1.06 30.21 9.39
N TYR C 106 0.39 29.25 8.77
CA TYR C 106 -1.06 29.24 8.73
C TYR C 106 -1.62 28.66 10.03
N ASP C 107 -2.89 28.99 10.30
CA ASP C 107 -3.57 28.53 11.50
C ASP C 107 -5.01 28.18 11.14
N VAL C 108 -5.82 27.88 12.15
CA VAL C 108 -7.21 27.49 11.92
C VAL C 108 -7.97 28.63 11.24
N SER C 109 -7.68 29.87 11.63
CA SER C 109 -8.37 31.02 11.04
C SER C 109 -8.00 31.19 9.58
N SER C 110 -6.69 31.11 9.27
CA SER C 110 -6.25 31.26 7.89
C SER C 110 -6.79 30.15 7.00
N ILE C 111 -7.07 28.98 7.57
CA ILE C 111 -7.65 27.88 6.80
C ILE C 111 -9.15 28.12 6.58
N LEU C 112 -9.88 28.44 7.65
CA LEU C 112 -11.31 28.66 7.53
C LEU C 112 -11.63 29.84 6.62
N THR C 113 -10.79 30.88 6.63
CA THR C 113 -10.99 32.00 5.72
C THR C 113 -10.69 31.61 4.29
N SER C 114 -9.65 30.80 4.07
CA SER C 114 -9.30 30.35 2.72
C SER C 114 -10.32 29.35 2.18
N ILE C 115 -11.13 28.75 3.05
CA ILE C 115 -12.14 27.80 2.59
C ILE C 115 -13.38 28.53 2.09
N GLN C 116 -13.88 29.48 2.87
CA GLN C 116 -15.04 30.25 2.42
C GLN C 116 -14.71 31.12 1.22
N SER C 117 -13.44 31.52 1.07
CA SER C 117 -13.02 32.19 -0.14
C SER C 117 -13.07 31.26 -1.35
N LEU C 118 -12.86 29.96 -1.12
CA LEU C 118 -12.93 29.00 -2.21
C LEU C 118 -14.37 28.74 -2.63
N LEU C 119 -15.32 28.86 -1.70
CA LEU C 119 -16.73 28.72 -2.07
C LEU C 119 -17.15 29.81 -3.04
N ASP C 120 -16.59 31.02 -2.89
CA ASP C 120 -16.87 32.10 -3.81
C ASP C 120 -16.07 31.94 -5.10
N GLU C 121 -14.79 31.58 -4.99
CA GLU C 121 -13.88 31.47 -6.14
C GLU C 121 -13.37 30.03 -6.21
N PRO C 122 -14.10 29.13 -6.85
CA PRO C 122 -13.61 27.75 -7.01
C PRO C 122 -12.47 27.69 -8.01
N ASN C 123 -11.85 26.51 -8.08
CA ASN C 123 -10.73 26.24 -8.98
C ASN C 123 -11.04 25.01 -9.82
N PRO C 124 -11.79 25.16 -10.91
CA PRO C 124 -12.11 24.02 -11.76
C PRO C 124 -10.93 23.52 -12.59
N ASN C 125 -9.80 24.24 -12.58
CA ASN C 125 -8.65 23.80 -13.36
C ASN C 125 -8.08 22.49 -12.82
N SER C 126 -8.10 22.30 -11.50
CA SER C 126 -7.72 21.04 -10.86
C SER C 126 -8.87 20.63 -9.95
N PRO C 127 -9.89 19.98 -10.50
CA PRO C 127 -11.11 19.71 -9.75
C PRO C 127 -11.07 18.40 -8.96
N ALA C 128 -11.97 18.32 -7.99
CA ALA C 128 -12.21 17.10 -7.22
C ALA C 128 -13.60 16.53 -7.44
N ASN C 129 -14.60 17.38 -7.65
CA ASN C 129 -15.95 16.97 -8.03
C ASN C 129 -16.14 17.37 -9.49
N SER C 130 -15.93 16.40 -10.39
CA SER C 130 -15.96 16.70 -11.83
C SER C 130 -17.35 17.15 -12.25
N GLN C 131 -18.40 16.57 -11.67
CA GLN C 131 -19.75 16.98 -12.02
C GLN C 131 -20.04 18.41 -11.56
N ALA C 132 -19.40 18.85 -10.48
CA ALA C 132 -19.59 20.21 -9.99
C ALA C 132 -18.76 21.22 -10.79
N ALA C 133 -17.50 20.88 -11.08
CA ALA C 133 -16.67 21.77 -11.88
C ALA C 133 -17.21 21.93 -13.29
N GLN C 134 -17.84 20.90 -13.83
CA GLN C 134 -18.44 21.00 -15.15
C GLN C 134 -19.64 21.95 -15.14
N LEU C 135 -20.44 21.92 -14.07
CA LEU C 135 -21.59 22.80 -13.97
C LEU C 135 -21.20 24.25 -13.67
N TYR C 136 -20.09 24.45 -12.95
CA TYR C 136 -19.69 25.80 -12.58
C TYR C 136 -19.30 26.63 -13.79
N GLN C 137 -18.72 26.00 -14.81
CA GLN C 137 -18.25 26.72 -15.99
C GLN C 137 -19.21 26.66 -17.16
N GLU C 138 -19.92 25.54 -17.36
CA GLU C 138 -20.79 25.39 -18.50
C GLU C 138 -22.20 25.92 -18.25
N ASN C 139 -22.82 25.51 -17.14
CA ASN C 139 -24.22 25.84 -16.85
C ASN C 139 -24.30 26.45 -15.45
N LYS C 140 -24.08 27.77 -15.38
CA LYS C 140 -24.15 28.46 -14.09
C LYS C 140 -25.52 28.35 -13.45
N ARG C 141 -26.58 28.27 -14.25
CA ARG C 141 -27.93 28.18 -13.70
C ARG C 141 -28.13 26.87 -12.94
N GLU C 142 -27.66 25.77 -13.50
CA GLU C 142 -27.80 24.48 -12.83
C GLU C 142 -26.83 24.32 -11.68
N TYR C 143 -25.63 24.93 -11.78
CA TYR C 143 -24.66 24.84 -10.69
C TYR C 143 -25.23 25.44 -9.41
N GLU C 144 -25.80 26.63 -9.49
CA GLU C 144 -26.40 27.26 -8.33
C GLU C 144 -27.72 26.62 -7.93
N LYS C 145 -28.29 25.77 -8.79
CA LYS C 145 -29.51 25.05 -8.44
C LYS C 145 -29.23 23.87 -7.53
N ARG C 146 -28.09 23.19 -7.72
CA ARG C 146 -27.73 22.10 -6.83
C ARG C 146 -27.03 22.59 -5.57
N VAL C 147 -26.29 23.70 -5.67
CA VAL C 147 -25.67 24.29 -4.49
C VAL C 147 -26.75 24.74 -3.50
N SER C 148 -27.84 25.30 -4.03
CA SER C 148 -28.96 25.68 -3.16
C SER C 148 -29.57 24.47 -2.47
N ALA C 149 -29.58 23.32 -3.14
CA ALA C 149 -30.05 22.09 -2.50
C ALA C 149 -29.10 21.63 -1.41
N ILE C 150 -27.81 21.93 -1.54
CA ILE C 150 -26.86 21.62 -0.49
C ILE C 150 -27.00 22.59 0.68
N VAL C 151 -27.35 23.85 0.39
CA VAL C 151 -27.58 24.83 1.45
C VAL C 151 -28.75 24.40 2.32
N GLU C 152 -29.87 24.03 1.69
CA GLU C 152 -31.03 23.54 2.43
C GLU C 152 -30.71 22.25 3.19
N GLN C 153 -29.87 21.39 2.60
CA GLN C 153 -29.56 20.11 3.22
C GLN C 153 -28.71 20.29 4.47
N SER C 154 -27.94 21.38 4.56
CA SER C 154 -27.09 21.63 5.73
C SER C 154 -27.88 22.05 6.95
N TRP C 155 -29.21 22.12 6.88
CA TRP C 155 -30.02 22.55 8.00
C TRP C 155 -30.50 21.40 8.87
N ARG C 156 -30.40 20.16 8.40
CA ARG C 156 -30.79 19.00 9.19
C ARG C 156 -29.59 18.47 9.96
N ASP C 157 -29.73 17.28 10.54
CA ASP C 157 -28.65 16.68 11.32
C ASP C 157 -28.49 15.20 11.00
#